data_6CUG
#
_entry.id   6CUG
#
_cell.length_a   73.300
_cell.length_b   65.700
_cell.length_c   101.900
_cell.angle_alpha   90.000
_cell.angle_beta   100.700
_cell.angle_gamma   90.000
#
_symmetry.space_group_name_H-M   'P 1 21 1'
#
loop_
_entity.id
_entity.type
_entity.pdbx_description
1 polymer 'T-cell surface glycoprotein CD1b'
2 polymer Beta-2-microglobulin
3 polymer 'T-cell receptor alpha variable TRAV9-2 - BC8B TCR'
4 polymer 'T-cell receptor beta variable TRBV6-2 - BC8B TCR'
5 non-polymer 2-acetamido-2-deoxy-beta-D-glucopyranose
6 non-polymer 'tetracosyl octadecanoate'
7 non-polymer '(2S)-3-(hexadecanoyloxy)-2-[(9Z)-octadec-9-enoyloxy]propyl 2-(trimethylammonio)ethyl phosphate'
8 non-polymer 'CHLORIDE ION'
9 water water
#
loop_
_entity_poly.entity_id
_entity_poly.type
_entity_poly.pdbx_seq_one_letter_code
_entity_poly.pdbx_strand_id
1 'polypeptide(L)'
;HAFQGPTSFHVIQTSSFTNSTWAQTQGSGWLDDLQIHGWDSDSGTAIFLKPWSKGNFSDKEVAELEEIFRVYIFGFAREV
QDFAGDFQMKYPFEIQGIAGCELHSGGAIVSFLRGALGGLDFLSVKNASCVPSPEGGSRAQKFCALIIQYQGIMETVRIL
LYETCPRYLLGVLNAGKADLQRQVKPEAWLSSGPSPGPGRLQLVCHVSGFYPKPVWVMWMRGEQEQQGTQLGDILPNANW
TWYLRATLDVADGEAAGLSCRVKHSSLEGQDIILYWRGSGLNDIFEAQKIEWHEHHHHHH
;
A
2 'polypeptide(L)'
;IQRTPKIQVYSRHPAENGKSNFLNCYVSGFHPSDIEVDLLKNGERIEKVEHSDLSFSKDWSFYLLYYTEFTPTEKDEYAC
RVNHVTLSQPKIVKWDRDM
;
B
3 'polypeptide(L)'
;GNSVTQMEGPVTLSEEAFLTINCTYTATGYPSLFWYVQYPGEGLQLLLKATKADDKGSNKGFEATYRKETTSFHLEKGSV
QVSDSAVYFCALTPSGGYQKVTFGTGTKLQVIPNIQNPDPAVYQLRDSKSSDKSVCLFTDFDSQTNVSQSKDSDVYITDK
CVLDMRSMDFKSNSAVAWSNKSDFACANAFNNSIIPEDTFFPSPESS
;
D
4 'polypeptide(L)'
;NAGVTQTPKFRVLKTGQSMTLLCAQDMNHEYMYWYRQDPGMGLRLIHYSVGEGTTAKGEVPDGYNVSRLKKQNFLLGLES
AAPSQTSVYFCASSMPGLRSSYEQYFGPGTRLTVTEDLKNVFPPEVAVFEPSEAEISHTQKATLVCLATGFYPDHVELSW
WVNGKEVHSGVCTDPQPLKEQPALNDSRYALSSRLRVSATFWQNPRNHFRCQVQFYGLSENDEWTQDRAKPVTQIVSAEA
WGRAD
;
E
#
# COMPACT_ATOMS: atom_id res chain seq x y z
N ALA A 2 6.96 -43.90 -18.27
CA ALA A 2 5.68 -44.54 -18.61
C ALA A 2 4.58 -44.07 -17.66
N PHE A 3 4.96 -43.82 -16.38
CA PHE A 3 4.10 -43.35 -15.29
C PHE A 3 3.58 -41.94 -15.60
N GLN A 4 2.32 -41.68 -15.23
CA GLN A 4 1.68 -40.39 -15.45
C GLN A 4 0.73 -40.04 -14.29
N GLY A 5 0.71 -38.75 -13.94
CA GLY A 5 -0.15 -38.23 -12.88
C GLY A 5 -1.17 -37.21 -13.36
N PRO A 6 -1.67 -36.33 -12.47
CA PRO A 6 -2.64 -35.32 -12.91
C PRO A 6 -1.99 -34.13 -13.62
N THR A 7 -2.79 -33.36 -14.37
CA THR A 7 -2.32 -32.13 -15.03
C THR A 7 -2.54 -30.97 -14.06
N SER A 8 -1.47 -30.32 -13.60
CA SER A 8 -1.62 -29.29 -12.58
C SER A 8 -1.05 -27.95 -12.96
N PHE A 9 -1.70 -26.88 -12.43
CA PHE A 9 -1.22 -25.50 -12.49
C PHE A 9 -0.91 -25.10 -11.09
N HIS A 10 0.31 -24.63 -10.86
CA HIS A 10 0.73 -24.20 -9.56
C HIS A 10 1.70 -23.02 -9.62
N VAL A 11 1.61 -22.20 -8.62
CA VAL A 11 2.51 -21.07 -8.40
C VAL A 11 3.46 -21.44 -7.23
N ILE A 12 4.77 -21.19 -7.38
CA ILE A 12 5.73 -21.52 -6.33
C ILE A 12 6.43 -20.26 -5.79
N GLN A 13 6.90 -20.36 -4.54
CA GLN A 13 7.61 -19.29 -3.85
C GLN A 13 8.82 -19.87 -3.08
N THR A 14 9.96 -19.14 -3.15
CA THR A 14 11.22 -19.46 -2.48
C THR A 14 11.75 -18.16 -1.85
N SER A 15 11.61 -18.05 -0.51
CA SER A 15 11.98 -16.87 0.26
C SER A 15 13.12 -17.15 1.21
N SER A 16 14.20 -16.38 1.04
CA SER A 16 15.41 -16.48 1.85
C SER A 16 15.52 -15.30 2.83
N PHE A 17 15.46 -15.58 4.12
CA PHE A 17 15.55 -14.57 5.18
C PHE A 17 16.96 -14.63 5.80
N THR A 18 17.91 -13.78 5.30
CA THR A 18 19.30 -13.72 5.76
C THR A 18 19.36 -13.08 7.16
N ASN A 19 18.93 -11.81 7.25
CA ASN A 19 18.88 -11.09 8.52
C ASN A 19 17.49 -10.43 8.65
N SER A 20 17.24 -9.67 9.73
N SER A 20 17.24 -9.67 9.73
CA SER A 20 15.98 -8.99 10.01
CA SER A 20 15.99 -8.98 10.03
C SER A 20 15.68 -7.83 9.04
C SER A 20 15.70 -7.83 9.05
N THR A 21 16.71 -7.36 8.30
CA THR A 21 16.59 -6.26 7.33
C THR A 21 16.70 -6.73 5.85
N TRP A 22 17.05 -8.02 5.64
CA TRP A 22 17.23 -8.60 4.30
C TRP A 22 16.45 -9.91 4.12
N ALA A 23 15.67 -9.92 3.04
CA ALA A 23 14.86 -11.04 2.58
C ALA A 23 14.63 -10.90 1.07
N GLN A 24 14.73 -12.04 0.35
CA GLN A 24 14.60 -12.13 -1.11
C GLN A 24 13.64 -13.27 -1.48
N THR A 25 12.67 -12.98 -2.36
CA THR A 25 11.66 -13.95 -2.79
C THR A 25 11.76 -14.19 -4.30
N GLN A 26 11.70 -15.46 -4.66
CA GLN A 26 11.66 -15.97 -6.02
C GLN A 26 10.32 -16.65 -6.25
N GLY A 27 9.63 -16.25 -7.31
CA GLY A 27 8.33 -16.82 -7.63
C GLY A 27 8.12 -17.09 -9.10
N SER A 28 7.31 -18.12 -9.40
CA SER A 28 7.00 -18.52 -10.77
C SER A 28 5.67 -19.28 -10.83
N GLY A 29 5.17 -19.50 -12.05
CA GLY A 29 3.92 -20.18 -12.34
C GLY A 29 4.21 -21.30 -13.30
N TRP A 30 3.71 -22.49 -12.99
CA TRP A 30 3.97 -23.71 -13.76
C TRP A 30 2.72 -24.48 -14.13
N LEU A 31 2.74 -25.07 -15.32
CA LEU A 31 1.72 -25.97 -15.83
C LEU A 31 2.53 -27.23 -16.01
N ASP A 32 2.53 -28.06 -14.96
CA ASP A 32 3.34 -29.26 -14.82
C ASP A 32 4.83 -28.84 -14.81
N ASP A 33 5.65 -29.39 -15.72
CA ASP A 33 7.07 -29.09 -15.83
C ASP A 33 7.34 -27.81 -16.59
N LEU A 34 6.30 -27.26 -17.27
CA LEU A 34 6.44 -26.06 -18.10
C LEU A 34 6.17 -24.77 -17.31
N GLN A 35 7.12 -23.84 -17.41
CA GLN A 35 7.00 -22.52 -16.83
C GLN A 35 6.20 -21.68 -17.77
N ILE A 36 5.08 -21.14 -17.29
CA ILE A 36 4.19 -20.30 -18.09
C ILE A 36 4.21 -18.91 -17.51
N HIS A 37 4.65 -18.77 -16.25
CA HIS A 37 4.75 -17.48 -15.57
C HIS A 37 6.08 -17.27 -14.89
N GLY A 38 6.53 -16.04 -14.95
CA GLY A 38 7.72 -15.56 -14.28
C GLY A 38 7.32 -14.41 -13.42
N TRP A 39 8.15 -14.07 -12.44
CA TRP A 39 7.88 -12.92 -11.58
C TRP A 39 9.11 -12.04 -11.53
N ASP A 40 8.92 -10.77 -11.91
CA ASP A 40 9.97 -9.76 -11.88
C ASP A 40 9.83 -9.11 -10.52
N SER A 41 10.59 -9.63 -9.53
N SER A 41 10.59 -9.63 -9.52
CA SER A 41 10.59 -9.19 -8.12
CA SER A 41 10.58 -9.18 -8.12
C SER A 41 10.89 -7.69 -7.95
C SER A 41 10.89 -7.68 -7.95
N ASP A 42 11.76 -7.12 -8.81
CA ASP A 42 12.17 -5.71 -8.77
C ASP A 42 11.01 -4.75 -9.12
N SER A 43 10.30 -5.00 -10.23
CA SER A 43 9.17 -4.17 -10.65
C SER A 43 7.82 -4.62 -10.01
N GLY A 44 7.76 -5.87 -9.55
CA GLY A 44 6.58 -6.46 -8.92
C GLY A 44 5.49 -6.74 -9.92
N THR A 45 5.86 -7.38 -11.05
CA THR A 45 4.95 -7.74 -12.15
C THR A 45 5.11 -9.21 -12.62
N ALA A 46 4.05 -9.78 -13.19
CA ALA A 46 4.04 -11.13 -13.76
C ALA A 46 4.50 -11.08 -15.23
N ILE A 47 5.37 -12.03 -15.63
CA ILE A 47 5.91 -12.17 -16.97
C ILE A 47 5.23 -13.40 -17.58
N PHE A 48 4.48 -13.21 -18.68
CA PHE A 48 3.74 -14.26 -19.39
C PHE A 48 4.64 -14.84 -20.49
N LEU A 49 5.09 -16.07 -20.26
CA LEU A 49 6.07 -16.80 -21.07
C LEU A 49 5.50 -17.53 -22.28
N LYS A 50 4.17 -17.54 -22.42
CA LYS A 50 3.44 -18.21 -23.51
C LYS A 50 2.36 -17.28 -23.96
N PRO A 51 1.91 -17.29 -25.24
CA PRO A 51 0.84 -16.35 -25.63
C PRO A 51 -0.50 -16.64 -24.93
N TRP A 52 -0.64 -17.88 -24.44
CA TRP A 52 -1.81 -18.41 -23.75
C TRP A 52 -1.65 -18.41 -22.23
N SER A 53 -0.53 -17.87 -21.68
CA SER A 53 -0.28 -17.85 -20.24
C SER A 53 -1.39 -17.13 -19.43
N LYS A 54 -2.12 -16.17 -20.05
CA LYS A 54 -3.23 -15.50 -19.36
C LYS A 54 -4.51 -16.36 -19.37
N GLY A 55 -4.49 -17.51 -20.08
CA GLY A 55 -5.63 -18.42 -20.23
C GLY A 55 -6.78 -17.78 -21.00
N ASN A 56 -8.00 -17.91 -20.45
CA ASN A 56 -9.21 -17.29 -21.00
C ASN A 56 -9.66 -16.13 -20.08
N PHE A 57 -8.71 -15.65 -19.25
CA PHE A 57 -8.93 -14.57 -18.29
C PHE A 57 -8.68 -13.25 -18.96
N SER A 58 -9.60 -12.31 -18.75
CA SER A 58 -9.58 -10.95 -19.28
C SER A 58 -8.42 -10.17 -18.68
N ASP A 59 -7.99 -9.10 -19.36
CA ASP A 59 -6.89 -8.24 -18.95
C ASP A 59 -7.15 -7.58 -17.58
N LYS A 60 -8.45 -7.36 -17.19
CA LYS A 60 -8.86 -6.78 -15.90
C LYS A 60 -8.63 -7.79 -14.77
N GLU A 61 -9.09 -9.05 -14.96
CA GLU A 61 -8.94 -10.13 -13.99
C GLU A 61 -7.47 -10.52 -13.78
N VAL A 62 -6.65 -10.51 -14.85
CA VAL A 62 -5.21 -10.79 -14.82
C VAL A 62 -4.51 -9.72 -13.95
N ALA A 63 -4.85 -8.42 -14.16
CA ALA A 63 -4.29 -7.28 -13.42
C ALA A 63 -4.69 -7.28 -11.92
N GLU A 64 -5.84 -7.90 -11.59
CA GLU A 64 -6.35 -8.07 -10.22
C GLU A 64 -5.54 -9.15 -9.48
N LEU A 65 -5.26 -10.29 -10.15
CA LEU A 65 -4.50 -11.40 -9.59
C LEU A 65 -3.03 -11.01 -9.40
N GLU A 66 -2.44 -10.33 -10.39
CA GLU A 66 -1.07 -9.79 -10.35
C GLU A 66 -0.90 -8.86 -9.13
N GLU A 67 -1.90 -7.98 -8.87
CA GLU A 67 -1.96 -7.06 -7.74
C GLU A 67 -2.02 -7.83 -6.38
N ILE A 68 -2.80 -8.95 -6.34
CA ILE A 68 -2.95 -9.83 -5.17
C ILE A 68 -1.58 -10.45 -4.83
N PHE A 69 -0.89 -10.94 -5.86
CA PHE A 69 0.40 -11.59 -5.70
C PHE A 69 1.49 -10.58 -5.38
N ARG A 70 1.44 -9.38 -5.97
CA ARG A 70 2.43 -8.31 -5.72
C ARG A 70 2.34 -7.87 -4.24
N VAL A 71 1.11 -7.58 -3.73
CA VAL A 71 0.83 -7.21 -2.34
C VAL A 71 1.26 -8.37 -1.42
N TYR A 72 0.99 -9.62 -1.84
CA TYR A 72 1.35 -10.81 -1.06
C TYR A 72 2.85 -10.95 -0.93
N ILE A 73 3.62 -10.90 -2.04
CA ILE A 73 5.08 -11.06 -2.04
C ILE A 73 5.69 -9.94 -1.20
N PHE A 74 5.13 -8.72 -1.30
CA PHE A 74 5.56 -7.57 -0.51
C PHE A 74 5.29 -7.83 0.99
N GLY A 75 4.02 -8.05 1.34
CA GLY A 75 3.57 -8.31 2.70
C GLY A 75 4.16 -9.52 3.38
N PHE A 76 4.33 -10.65 2.64
CA PHE A 76 4.87 -11.91 3.20
C PHE A 76 6.22 -11.72 3.96
N ALA A 77 7.26 -11.14 3.33
CA ALA A 77 8.59 -10.90 3.95
C ALA A 77 8.51 -9.96 5.18
N ARG A 78 7.61 -8.96 5.15
CA ARG A 78 7.39 -7.96 6.21
C ARG A 78 6.69 -8.58 7.44
N GLU A 79 5.72 -9.46 7.19
CA GLU A 79 4.95 -10.19 8.19
C GLU A 79 5.79 -11.28 8.85
N VAL A 80 6.64 -12.02 8.09
CA VAL A 80 7.53 -13.04 8.65
C VAL A 80 8.58 -12.32 9.56
N GLN A 81 9.18 -11.21 9.06
CA GLN A 81 10.18 -10.46 9.84
C GLN A 81 9.59 -9.78 11.09
N ASP A 82 8.29 -9.48 11.09
CA ASP A 82 7.61 -8.93 12.25
C ASP A 82 7.32 -10.03 13.28
N PHE A 83 6.93 -11.23 12.80
CA PHE A 83 6.53 -12.36 13.65
C PHE A 83 7.68 -13.32 14.05
N ALA A 84 8.89 -13.21 13.42
CA ALA A 84 10.05 -14.08 13.67
C ALA A 84 10.48 -14.07 15.11
N GLY A 85 10.47 -12.90 15.75
CA GLY A 85 10.84 -12.76 17.16
C GLY A 85 10.04 -13.68 18.04
N ASP A 86 8.71 -13.59 17.93
CA ASP A 86 7.70 -14.34 18.66
C ASP A 86 7.74 -15.82 18.37
N PHE A 87 7.95 -16.22 17.10
CA PHE A 87 8.02 -17.62 16.65
C PHE A 87 9.36 -18.26 17.00
N GLN A 88 10.36 -17.45 17.41
CA GLN A 88 11.72 -17.82 17.83
C GLN A 88 12.50 -18.34 16.64
N MET A 89 12.65 -17.45 15.65
CA MET A 89 13.38 -17.72 14.44
C MET A 89 14.82 -17.23 14.54
N LYS A 90 15.78 -18.12 14.19
CA LYS A 90 17.20 -17.81 14.17
C LYS A 90 17.60 -17.57 12.71
N TYR A 91 18.34 -16.48 12.47
CA TYR A 91 18.78 -16.12 11.13
C TYR A 91 20.15 -16.77 10.79
N PRO A 92 20.35 -17.26 9.53
CA PRO A 92 19.41 -17.20 8.39
C PRO A 92 18.53 -18.44 8.25
N PHE A 93 17.35 -18.28 7.65
CA PHE A 93 16.41 -19.38 7.36
C PHE A 93 15.72 -19.16 5.99
N GLU A 94 14.98 -20.17 5.52
CA GLU A 94 14.30 -20.14 4.23
C GLU A 94 12.90 -20.71 4.33
N ILE A 95 12.06 -20.28 3.40
CA ILE A 95 10.67 -20.71 3.32
C ILE A 95 10.37 -21.07 1.86
N GLN A 96 9.53 -22.09 1.65
CA GLN A 96 9.02 -22.47 0.34
C GLN A 96 7.53 -22.61 0.42
N GLY A 97 6.88 -22.27 -0.69
CA GLY A 97 5.44 -22.40 -0.84
C GLY A 97 5.06 -22.85 -2.24
N ILE A 98 3.97 -23.58 -2.33
CA ILE A 98 3.38 -24.09 -3.57
C ILE A 98 1.85 -24.13 -3.34
N ALA A 99 1.12 -23.61 -4.33
CA ALA A 99 -0.34 -23.51 -4.30
C ALA A 99 -0.87 -23.57 -5.72
N GLY A 100 -2.03 -24.20 -5.87
CA GLY A 100 -2.65 -24.36 -7.18
C GLY A 100 -3.65 -25.47 -7.21
N CYS A 101 -3.89 -26.05 -8.42
CA CYS A 101 -4.91 -27.08 -8.60
C CYS A 101 -4.56 -28.02 -9.76
N GLU A 102 -4.98 -29.29 -9.64
CA GLU A 102 -4.70 -30.36 -10.58
C GLU A 102 -5.95 -31.15 -11.03
N LEU A 103 -6.06 -31.36 -12.36
CA LEU A 103 -7.14 -32.11 -12.99
C LEU A 103 -6.85 -33.60 -13.01
N HIS A 104 -7.76 -34.37 -12.39
CA HIS A 104 -7.70 -35.84 -12.33
C HIS A 104 -8.66 -36.46 -13.35
N SER A 105 -8.57 -37.80 -13.52
CA SER A 105 -9.46 -38.58 -14.37
C SER A 105 -10.81 -38.67 -13.66
N GLY A 106 -11.82 -38.11 -14.31
CA GLY A 106 -13.18 -38.01 -13.80
C GLY A 106 -13.64 -36.57 -13.73
N GLY A 107 -12.78 -35.66 -14.20
CA GLY A 107 -13.03 -34.22 -14.23
C GLY A 107 -12.90 -33.56 -12.88
N ALA A 108 -12.41 -34.31 -11.87
CA ALA A 108 -12.23 -33.83 -10.50
C ALA A 108 -10.94 -33.00 -10.37
N ILE A 109 -11.10 -31.69 -10.13
CA ILE A 109 -9.98 -30.77 -9.91
C ILE A 109 -9.73 -30.67 -8.39
N VAL A 110 -8.51 -31.00 -7.96
CA VAL A 110 -8.11 -30.94 -6.56
C VAL A 110 -7.21 -29.73 -6.42
N SER A 111 -7.54 -28.86 -5.45
CA SER A 111 -6.80 -27.65 -5.12
C SER A 111 -5.90 -27.95 -3.93
N PHE A 112 -4.68 -27.36 -3.92
CA PHE A 112 -3.66 -27.58 -2.89
C PHE A 112 -2.84 -26.32 -2.55
N LEU A 113 -2.31 -26.29 -1.32
CA LEU A 113 -1.42 -25.28 -0.81
C LEU A 113 -0.56 -25.90 0.28
N ARG A 114 0.75 -26.07 0.00
CA ARG A 114 1.73 -26.61 0.94
C ARG A 114 2.88 -25.62 1.18
N GLY A 115 3.22 -25.43 2.46
CA GLY A 115 4.36 -24.62 2.86
C GLY A 115 5.45 -25.47 3.49
N ALA A 116 6.68 -24.95 3.45
CA ALA A 116 7.89 -25.56 4.01
C ALA A 116 8.78 -24.57 4.75
N LEU A 117 9.54 -25.09 5.73
CA LEU A 117 10.51 -24.34 6.53
C LEU A 117 11.77 -25.17 6.64
N GLY A 118 12.83 -24.70 5.98
CA GLY A 118 14.12 -25.36 5.94
C GLY A 118 14.14 -26.59 5.05
N GLY A 119 13.32 -26.58 4.00
CA GLY A 119 13.16 -27.71 3.09
C GLY A 119 12.29 -28.82 3.63
N LEU A 120 11.68 -28.63 4.80
CA LEU A 120 10.82 -29.62 5.48
C LEU A 120 9.38 -29.17 5.48
N ASP A 121 8.43 -30.12 5.43
CA ASP A 121 7.00 -29.83 5.47
C ASP A 121 6.64 -28.98 6.70
N PHE A 122 5.74 -27.99 6.51
CA PHE A 122 5.34 -27.06 7.57
C PHE A 122 3.81 -27.04 7.67
N LEU A 123 3.10 -26.80 6.57
CA LEU A 123 1.64 -26.79 6.57
C LEU A 123 1.06 -27.30 5.22
N SER A 124 -0.25 -27.48 5.19
CA SER A 124 -1.04 -27.88 4.03
C SER A 124 -2.45 -27.29 4.17
N VAL A 125 -3.19 -27.17 3.07
CA VAL A 125 -4.56 -26.66 3.13
C VAL A 125 -5.51 -27.79 2.70
N LYS A 126 -6.52 -28.08 3.54
CA LYS A 126 -7.53 -29.11 3.30
C LYS A 126 -8.87 -28.53 3.72
N ASN A 127 -9.85 -28.53 2.78
CA ASN A 127 -11.21 -27.99 2.92
C ASN A 127 -11.13 -26.53 3.45
N ALA A 128 -10.38 -25.68 2.72
CA ALA A 128 -10.14 -24.25 3.00
C ALA A 128 -9.62 -23.99 4.43
N SER A 129 -8.92 -25.00 5.01
CA SER A 129 -8.46 -24.88 6.39
C SER A 129 -6.97 -25.20 6.54
N CYS A 130 -6.31 -24.51 7.50
CA CYS A 130 -4.89 -24.69 7.83
C CYS A 130 -4.72 -26.00 8.54
N VAL A 131 -3.87 -26.86 7.97
CA VAL A 131 -3.55 -28.17 8.51
C VAL A 131 -2.05 -28.16 8.79
N PRO A 132 -1.66 -28.08 10.09
CA PRO A 132 -0.22 -28.08 10.41
C PRO A 132 0.39 -29.47 10.17
N SER A 133 1.61 -29.50 9.63
N SER A 133 1.60 -29.50 9.64
CA SER A 133 2.30 -30.76 9.35
CA SER A 133 2.34 -30.73 9.37
C SER A 133 3.10 -31.20 10.59
C SER A 133 3.09 -31.20 10.61
N PRO A 134 3.16 -32.53 10.89
CA PRO A 134 3.90 -33.01 12.09
C PRO A 134 5.38 -32.57 12.14
N GLU A 135 6.01 -32.44 10.96
CA GLU A 135 7.39 -32.00 10.79
C GLU A 135 7.57 -30.55 11.21
N GLY A 136 6.51 -29.75 11.06
CA GLY A 136 6.49 -28.33 11.41
C GLY A 136 6.65 -28.04 12.89
N GLY A 137 6.17 -28.99 13.71
CA GLY A 137 6.24 -28.99 15.18
C GLY A 137 5.21 -28.11 15.85
N SER A 138 5.66 -27.41 16.91
CA SER A 138 4.81 -26.49 17.68
C SER A 138 4.58 -25.20 16.88
N ARG A 139 5.59 -24.85 16.04
CA ARG A 139 5.66 -23.67 15.17
C ARG A 139 4.57 -23.70 14.10
N ALA A 140 4.26 -24.88 13.55
CA ALA A 140 3.19 -25.08 12.57
C ALA A 140 1.83 -24.96 13.21
N GLN A 141 1.68 -25.52 14.44
CA GLN A 141 0.41 -25.45 15.20
C GLN A 141 0.10 -24.00 15.56
N LYS A 142 1.15 -23.28 16.01
CA LYS A 142 1.12 -21.86 16.35
C LYS A 142 0.75 -21.03 15.11
N PHE A 143 1.35 -21.37 13.93
CA PHE A 143 1.09 -20.67 12.67
C PHE A 143 -0.36 -20.83 12.24
N CYS A 144 -0.90 -22.06 12.27
CA CYS A 144 -2.28 -22.33 11.89
C CYS A 144 -3.27 -21.67 12.84
N ALA A 145 -3.01 -21.70 14.18
CA ALA A 145 -3.87 -21.09 15.20
C ALA A 145 -3.95 -19.56 15.05
N LEU A 146 -2.86 -18.95 14.53
CA LEU A 146 -2.75 -17.52 14.32
C LEU A 146 -3.38 -17.08 13.01
N ILE A 147 -3.14 -17.83 11.92
CA ILE A 147 -3.63 -17.45 10.60
C ILE A 147 -5.17 -17.50 10.50
N ILE A 148 -5.82 -18.31 11.31
CA ILE A 148 -7.27 -18.42 11.34
C ILE A 148 -7.92 -17.10 11.80
N GLN A 149 -7.28 -16.45 12.75
CA GLN A 149 -7.70 -15.17 13.31
C GLN A 149 -7.79 -14.04 12.23
N TYR A 150 -7.21 -14.29 11.02
CA TYR A 150 -7.21 -13.37 9.88
C TYR A 150 -8.08 -13.96 8.79
N GLN A 151 -9.42 -13.75 8.95
CA GLN A 151 -10.50 -14.22 8.11
C GLN A 151 -10.44 -13.68 6.67
N GLY A 152 -9.86 -12.49 6.48
CA GLY A 152 -9.71 -11.84 5.18
C GLY A 152 -8.72 -12.59 4.31
N ILE A 153 -7.62 -13.07 4.95
CA ILE A 153 -6.55 -13.85 4.34
C ILE A 153 -7.10 -15.21 3.95
N MET A 154 -7.82 -15.89 4.88
CA MET A 154 -8.39 -17.23 4.67
C MET A 154 -9.44 -17.23 3.56
N GLU A 155 -10.25 -16.17 3.46
CA GLU A 155 -11.27 -15.94 2.45
C GLU A 155 -10.60 -15.77 1.08
N THR A 156 -9.54 -14.93 0.99
CA THR A 156 -8.77 -14.69 -0.23
C THR A 156 -8.08 -16.01 -0.71
N VAL A 157 -7.48 -16.77 0.21
CA VAL A 157 -6.84 -18.06 -0.10
C VAL A 157 -7.94 -19.06 -0.60
N ARG A 158 -9.14 -19.08 0.03
CA ARG A 158 -10.24 -19.98 -0.36
C ARG A 158 -10.78 -19.65 -1.75
N ILE A 159 -10.97 -18.35 -2.07
CA ILE A 159 -11.45 -17.91 -3.39
C ILE A 159 -10.47 -18.38 -4.47
N LEU A 160 -9.16 -18.06 -4.28
CA LEU A 160 -8.07 -18.37 -5.22
C LEU A 160 -7.93 -19.85 -5.47
N LEU A 161 -7.86 -20.65 -4.41
CA LEU A 161 -7.68 -22.10 -4.53
C LEU A 161 -8.86 -22.84 -5.16
N TYR A 162 -10.10 -22.55 -4.72
CA TYR A 162 -11.24 -23.37 -5.10
C TYR A 162 -12.18 -22.75 -6.15
N GLU A 163 -12.02 -21.47 -6.50
CA GLU A 163 -12.86 -20.85 -7.52
C GLU A 163 -12.02 -20.34 -8.71
N THR A 164 -11.03 -19.47 -8.42
CA THR A 164 -10.19 -18.85 -9.45
C THR A 164 -9.36 -19.89 -10.17
N CYS A 165 -8.67 -20.77 -9.41
CA CYS A 165 -7.81 -21.81 -9.95
C CYS A 165 -8.56 -22.81 -10.87
N PRO A 166 -9.54 -23.64 -10.42
CA PRO A 166 -10.11 -24.65 -11.33
C PRO A 166 -10.50 -24.11 -12.71
N ARG A 167 -11.16 -22.94 -12.78
CA ARG A 167 -11.56 -22.35 -14.06
C ARG A 167 -10.35 -21.76 -14.82
N TYR A 168 -9.31 -21.28 -14.07
CA TYR A 168 -8.07 -20.81 -14.67
C TYR A 168 -7.39 -21.98 -15.37
N LEU A 169 -7.33 -23.16 -14.70
CA LEU A 169 -6.73 -24.40 -15.20
C LEU A 169 -7.39 -24.85 -16.49
N LEU A 170 -8.72 -25.10 -16.47
CA LEU A 170 -9.49 -25.54 -17.65
C LEU A 170 -9.34 -24.55 -18.83
N GLY A 171 -9.22 -23.26 -18.51
CA GLY A 171 -9.04 -22.18 -19.47
C GLY A 171 -7.67 -22.18 -20.10
N VAL A 172 -6.60 -22.36 -19.29
CA VAL A 172 -5.20 -22.43 -19.75
C VAL A 172 -4.93 -23.73 -20.54
N LEU A 173 -5.61 -24.85 -20.21
CA LEU A 173 -5.45 -26.13 -20.89
C LEU A 173 -6.01 -26.03 -22.30
N ASN A 174 -7.19 -25.40 -22.46
CA ASN A 174 -7.84 -25.15 -23.74
C ASN A 174 -7.07 -24.07 -24.55
N ALA A 175 -6.62 -23.00 -23.89
CA ALA A 175 -5.92 -21.88 -24.54
C ALA A 175 -4.58 -22.30 -25.12
N GLY A 176 -3.94 -23.29 -24.51
CA GLY A 176 -2.65 -23.79 -24.95
C GLY A 176 -2.61 -25.20 -25.45
N LYS A 177 -3.76 -25.78 -25.83
CA LYS A 177 -3.89 -27.14 -26.37
C LYS A 177 -3.05 -27.39 -27.66
N ALA A 178 -2.72 -26.34 -28.42
CA ALA A 178 -1.92 -26.52 -29.65
C ALA A 178 -0.47 -26.80 -29.30
N ASP A 179 -0.03 -26.42 -28.07
CA ASP A 179 1.30 -26.63 -27.52
C ASP A 179 1.29 -27.81 -26.54
N LEU A 180 0.20 -27.92 -25.76
CA LEU A 180 0.06 -28.97 -24.74
C LEU A 180 -0.25 -30.31 -25.40
N GLN A 181 -1.11 -30.28 -26.41
CA GLN A 181 -1.56 -31.48 -27.13
C GLN A 181 -0.83 -31.63 -28.47
N ARG A 182 0.39 -32.17 -28.40
CA ARG A 182 1.24 -32.42 -29.58
C ARG A 182 2.04 -33.70 -29.37
N GLN A 183 2.51 -34.30 -30.47
CA GLN A 183 3.36 -35.49 -30.42
C GLN A 183 4.68 -35.15 -31.03
N VAL A 184 5.78 -35.39 -30.29
CA VAL A 184 7.16 -35.16 -30.76
C VAL A 184 7.91 -36.49 -30.63
N LYS A 185 8.48 -36.99 -31.74
CA LYS A 185 9.19 -38.27 -31.80
C LYS A 185 10.59 -38.15 -31.25
N PRO A 186 11.03 -39.12 -30.42
CA PRO A 186 12.42 -39.10 -29.93
C PRO A 186 13.40 -39.61 -30.96
N GLU A 187 14.67 -39.28 -30.78
CA GLU A 187 15.78 -39.83 -31.55
C GLU A 187 16.55 -40.71 -30.57
N ALA A 188 17.09 -41.82 -31.04
CA ALA A 188 17.78 -42.68 -30.10
C ALA A 188 19.17 -43.02 -30.62
N TRP A 189 20.16 -43.06 -29.70
CA TRP A 189 21.54 -43.45 -30.03
C TRP A 189 22.17 -44.26 -28.89
N LEU A 190 23.19 -45.04 -29.23
CA LEU A 190 23.95 -45.84 -28.28
C LEU A 190 25.37 -45.29 -28.16
N SER A 191 25.97 -45.54 -27.00
CA SER A 191 27.35 -45.18 -26.69
C SER A 191 27.84 -46.15 -25.61
N SER A 192 29.10 -46.00 -25.20
CA SER A 192 29.70 -46.83 -24.15
C SER A 192 30.00 -45.97 -22.92
N GLY A 193 29.63 -46.46 -21.75
CA GLY A 193 29.82 -45.76 -20.50
C GLY A 193 31.03 -46.11 -19.66
N PRO A 194 31.27 -45.35 -18.57
CA PRO A 194 32.41 -45.63 -17.67
C PRO A 194 32.40 -47.09 -17.22
N SER A 195 33.55 -47.77 -17.36
CA SER A 195 33.65 -49.19 -17.04
C SER A 195 33.29 -49.48 -15.59
N PRO A 196 32.33 -50.38 -15.36
CA PRO A 196 31.87 -50.74 -14.02
C PRO A 196 32.73 -51.81 -13.40
N GLY A 197 33.89 -52.06 -13.99
CA GLY A 197 34.82 -53.06 -13.51
C GLY A 197 35.85 -53.56 -14.51
N PRO A 198 36.54 -54.67 -14.16
CA PRO A 198 37.62 -55.17 -15.04
C PRO A 198 37.06 -55.88 -16.28
N GLY A 199 36.18 -56.85 -16.08
CA GLY A 199 35.61 -57.60 -17.19
C GLY A 199 34.18 -57.19 -17.50
N ARG A 200 33.87 -55.91 -17.27
CA ARG A 200 32.54 -55.37 -17.42
C ARG A 200 32.47 -54.19 -18.37
N LEU A 201 31.28 -54.03 -18.98
CA LEU A 201 30.88 -52.99 -19.92
C LEU A 201 29.59 -52.35 -19.46
N GLN A 202 29.44 -51.07 -19.79
CA GLN A 202 28.22 -50.31 -19.51
C GLN A 202 27.72 -49.82 -20.86
N LEU A 203 26.60 -50.39 -21.29
CA LEU A 203 26.00 -50.04 -22.55
C LEU A 203 24.98 -48.98 -22.23
N VAL A 204 25.10 -47.83 -22.87
CA VAL A 204 24.22 -46.71 -22.62
C VAL A 204 23.26 -46.55 -23.81
N CYS A 205 21.97 -46.32 -23.49
CA CYS A 205 20.96 -46.05 -24.49
C CYS A 205 20.37 -44.67 -24.20
N HIS A 206 20.62 -43.72 -25.10
CA HIS A 206 20.16 -42.35 -25.02
C HIS A 206 18.91 -42.19 -25.88
N VAL A 207 17.89 -41.54 -25.30
CA VAL A 207 16.57 -41.29 -25.90
C VAL A 207 16.30 -39.82 -25.67
N SER A 208 16.17 -39.02 -26.75
CA SER A 208 16.02 -37.58 -26.60
C SER A 208 15.14 -36.95 -27.66
N GLY A 209 14.45 -35.90 -27.25
CA GLY A 209 13.57 -35.12 -28.11
C GLY A 209 12.13 -35.59 -28.10
N PHE A 210 11.72 -36.36 -27.08
CA PHE A 210 10.34 -36.84 -27.02
C PHE A 210 9.45 -35.91 -26.19
N TYR A 211 8.21 -35.79 -26.65
CA TYR A 211 7.11 -35.10 -25.98
C TYR A 211 5.81 -35.84 -26.39
N PRO A 212 4.89 -36.18 -25.47
CA PRO A 212 4.87 -35.90 -24.03
C PRO A 212 5.88 -36.75 -23.24
N LYS A 213 5.97 -36.51 -21.92
CA LYS A 213 6.91 -37.13 -20.99
C LYS A 213 6.81 -38.66 -20.87
N PRO A 214 5.63 -39.37 -20.82
CA PRO A 214 5.69 -40.85 -20.67
C PRO A 214 6.41 -41.57 -21.82
N VAL A 215 7.43 -42.36 -21.47
CA VAL A 215 8.31 -43.12 -22.36
C VAL A 215 8.58 -44.50 -21.73
N TRP A 216 9.01 -45.45 -22.57
CA TRP A 216 9.44 -46.80 -22.17
C TRP A 216 10.75 -47.07 -22.93
N VAL A 217 11.80 -47.44 -22.18
CA VAL A 217 13.15 -47.75 -22.70
C VAL A 217 13.65 -48.97 -21.96
N MET A 218 14.14 -49.96 -22.72
CA MET A 218 14.62 -51.20 -22.14
C MET A 218 15.64 -51.85 -23.04
N TRP A 219 16.67 -52.45 -22.42
CA TRP A 219 17.67 -53.26 -23.12
C TRP A 219 17.08 -54.65 -23.33
N MET A 220 17.24 -55.17 -24.55
CA MET A 220 16.66 -56.45 -24.98
C MET A 220 17.69 -57.38 -25.62
N ARG A 221 17.42 -58.68 -25.52
CA ARG A 221 18.09 -59.76 -26.22
C ARG A 221 17.02 -60.35 -27.17
N GLY A 222 16.74 -59.63 -28.26
CA GLY A 222 15.66 -59.96 -29.17
C GLY A 222 14.36 -59.53 -28.53
N GLU A 223 13.71 -60.48 -27.81
CA GLU A 223 12.47 -60.22 -27.07
C GLU A 223 12.69 -60.41 -25.57
N GLN A 224 13.89 -60.88 -25.18
CA GLN A 224 14.30 -61.14 -23.80
C GLN A 224 14.64 -59.81 -23.11
N GLU A 225 13.76 -59.37 -22.19
CA GLU A 225 13.96 -58.11 -21.48
C GLU A 225 15.11 -58.21 -20.46
N GLN A 226 16.23 -57.48 -20.71
CA GLN A 226 17.38 -57.44 -19.81
C GLN A 226 16.97 -56.73 -18.51
N GLN A 227 16.61 -57.52 -17.49
CA GLN A 227 16.07 -57.07 -16.18
C GLN A 227 17.01 -56.17 -15.36
N GLY A 228 18.31 -56.23 -15.64
CA GLY A 228 19.32 -55.44 -14.95
C GLY A 228 19.48 -54.03 -15.48
N THR A 229 18.54 -53.58 -16.37
CA THR A 229 18.55 -52.26 -17.01
C THR A 229 18.29 -51.18 -15.96
N GLN A 230 19.28 -50.29 -15.78
N GLN A 230 19.29 -50.30 -15.77
CA GLN A 230 19.22 -49.18 -14.84
CA GLN A 230 19.23 -49.17 -14.83
C GLN A 230 18.58 -47.99 -15.57
C GLN A 230 18.60 -47.98 -15.56
N LEU A 231 17.41 -47.54 -15.10
CA LEU A 231 16.69 -46.43 -15.71
C LEU A 231 17.09 -45.12 -15.07
N GLY A 232 17.58 -44.19 -15.89
CA GLY A 232 17.99 -42.87 -15.44
C GLY A 232 16.79 -41.99 -15.18
N ASP A 233 17.00 -40.73 -14.84
CA ASP A 233 15.89 -39.82 -14.61
C ASP A 233 15.46 -39.21 -15.95
N ILE A 234 14.18 -38.80 -16.05
CA ILE A 234 13.67 -38.13 -17.25
C ILE A 234 14.10 -36.70 -17.06
N LEU A 235 15.11 -36.27 -17.83
CA LEU A 235 15.74 -34.96 -17.75
C LEU A 235 15.19 -34.00 -18.81
N PRO A 236 15.10 -32.69 -18.52
CA PRO A 236 14.53 -31.77 -19.51
C PRO A 236 15.55 -31.28 -20.54
N ASN A 237 14.99 -30.84 -21.65
CA ASN A 237 15.70 -30.21 -22.75
C ASN A 237 15.01 -28.83 -22.85
N ALA A 238 15.75 -27.79 -23.13
CA ALA A 238 15.17 -26.42 -23.17
C ALA A 238 13.91 -26.29 -24.06
N ASN A 239 13.88 -27.02 -25.21
CA ASN A 239 12.79 -26.96 -26.21
C ASN A 239 11.53 -27.81 -25.89
N TRP A 240 11.16 -27.92 -24.58
CA TRP A 240 9.97 -28.64 -24.07
C TRP A 240 9.96 -30.13 -24.51
N THR A 241 11.17 -30.77 -24.52
CA THR A 241 11.33 -32.20 -24.82
C THR A 241 12.10 -32.84 -23.67
N TRP A 242 12.27 -34.15 -23.72
CA TRP A 242 12.92 -34.89 -22.64
C TRP A 242 14.07 -35.74 -23.09
N TYR A 243 14.96 -36.02 -22.13
CA TYR A 243 16.15 -36.82 -22.28
C TYR A 243 16.14 -37.92 -21.23
N LEU A 244 16.47 -39.14 -21.64
CA LEU A 244 16.55 -40.27 -20.74
C LEU A 244 17.61 -41.21 -21.24
N ARG A 245 18.40 -41.78 -20.31
CA ARG A 245 19.40 -42.77 -20.66
C ARG A 245 19.20 -44.05 -19.82
N ALA A 246 19.11 -45.19 -20.51
CA ALA A 246 18.95 -46.51 -19.91
C ALA A 246 20.26 -47.32 -20.04
N THR A 247 20.90 -47.62 -18.91
CA THR A 247 22.19 -48.33 -18.91
C THR A 247 22.02 -49.82 -18.58
N LEU A 248 23.05 -50.61 -18.90
CA LEU A 248 23.09 -52.03 -18.59
C LEU A 248 24.53 -52.48 -18.35
N ASP A 249 24.78 -53.00 -17.12
CA ASP A 249 26.07 -53.59 -16.71
C ASP A 249 26.08 -55.04 -17.15
N VAL A 250 27.02 -55.38 -18.05
CA VAL A 250 27.17 -56.73 -18.62
C VAL A 250 28.66 -57.16 -18.70
N ALA A 251 28.90 -58.48 -18.63
CA ALA A 251 30.21 -59.09 -18.82
C ALA A 251 30.58 -58.91 -20.30
N ASP A 252 31.87 -58.71 -20.60
CA ASP A 252 32.39 -58.44 -21.96
C ASP A 252 31.67 -59.17 -23.11
N GLY A 253 31.43 -60.48 -22.93
CA GLY A 253 30.82 -61.35 -23.93
C GLY A 253 29.30 -61.42 -23.97
N GLU A 254 28.63 -61.16 -22.81
CA GLU A 254 27.17 -61.22 -22.72
C GLU A 254 26.51 -59.91 -23.22
N ALA A 255 27.18 -59.20 -24.14
CA ALA A 255 26.74 -57.93 -24.74
C ALA A 255 26.63 -58.01 -26.27
N ALA A 256 27.06 -59.15 -26.85
CA ALA A 256 27.15 -59.41 -28.29
C ALA A 256 25.83 -59.31 -29.06
N GLY A 257 24.76 -59.93 -28.55
CA GLY A 257 23.48 -59.94 -29.23
C GLY A 257 22.37 -59.10 -28.64
N LEU A 258 22.73 -58.04 -27.90
CA LEU A 258 21.78 -57.15 -27.23
C LEU A 258 21.44 -55.93 -28.09
N SER A 259 20.24 -55.36 -27.87
CA SER A 259 19.71 -54.17 -28.54
C SER A 259 18.93 -53.29 -27.54
N CYS A 260 18.61 -52.07 -27.94
CA CYS A 260 17.82 -51.16 -27.16
C CYS A 260 16.48 -50.89 -27.87
N ARG A 261 15.37 -51.13 -27.18
CA ARG A 261 14.01 -50.88 -27.70
C ARG A 261 13.38 -49.72 -26.98
N VAL A 262 12.84 -48.78 -27.77
CA VAL A 262 12.22 -47.54 -27.31
C VAL A 262 10.75 -47.52 -27.70
N LYS A 263 9.87 -47.31 -26.72
CA LYS A 263 8.43 -47.17 -26.92
C LYS A 263 7.96 -45.74 -26.51
N HIS A 264 7.24 -45.05 -27.41
CA HIS A 264 6.70 -43.72 -27.17
C HIS A 264 5.38 -43.54 -27.91
N SER A 265 4.49 -42.71 -27.37
CA SER A 265 3.15 -42.39 -27.89
C SER A 265 3.16 -41.71 -29.30
N SER A 266 4.28 -41.11 -29.70
CA SER A 266 4.43 -40.41 -30.98
C SER A 266 4.90 -41.31 -32.14
N LEU A 267 5.48 -42.50 -31.82
CA LEU A 267 6.12 -43.41 -32.79
C LEU A 267 5.14 -44.23 -33.65
N GLU A 268 3.81 -44.11 -33.41
CA GLU A 268 2.75 -44.77 -34.19
C GLU A 268 2.96 -46.31 -34.36
N GLY A 269 3.44 -46.96 -33.31
CA GLY A 269 3.69 -48.39 -33.28
C GLY A 269 5.01 -48.83 -33.85
N GLN A 270 5.82 -47.86 -34.35
CA GLN A 270 7.11 -48.17 -34.93
C GLN A 270 8.24 -47.91 -33.90
N ASP A 271 8.38 -48.86 -32.94
CA ASP A 271 9.42 -48.84 -31.90
C ASP A 271 10.83 -48.63 -32.48
N ILE A 272 11.69 -47.88 -31.77
CA ILE A 272 13.07 -47.67 -32.20
C ILE A 272 13.87 -48.80 -31.60
N ILE A 273 14.56 -49.59 -32.43
CA ILE A 273 15.43 -50.66 -31.96
C ILE A 273 16.84 -50.37 -32.46
N LEU A 274 17.80 -50.44 -31.54
CA LEU A 274 19.21 -50.20 -31.85
C LEU A 274 20.04 -51.36 -31.36
N TYR A 275 20.64 -52.11 -32.29
CA TYR A 275 21.49 -53.27 -32.01
C TYR A 275 22.87 -52.78 -31.60
N TRP A 276 23.43 -53.38 -30.50
CA TRP A 276 24.69 -52.98 -29.86
C TRP A 276 25.84 -52.70 -30.84
N ARG A 277 26.23 -53.71 -31.66
CA ARG A 277 27.29 -53.65 -32.70
C ARG A 277 28.64 -53.11 -32.15
N ILE B 1 16.54 -29.74 4.65
CA ILE B 1 17.76 -29.71 5.46
C ILE B 1 18.95 -29.27 4.57
N GLN B 2 20.11 -29.99 4.62
CA GLN B 2 21.28 -29.66 3.80
C GLN B 2 21.61 -30.84 2.89
N ARG B 3 21.27 -30.67 1.61
CA ARG B 3 21.35 -31.70 0.58
C ARG B 3 22.30 -31.32 -0.51
N THR B 4 23.10 -32.29 -0.94
CA THR B 4 24.13 -32.17 -1.94
C THR B 4 23.50 -32.25 -3.35
N PRO B 5 23.88 -31.36 -4.28
CA PRO B 5 23.29 -31.45 -5.63
C PRO B 5 23.77 -32.66 -6.46
N LYS B 6 22.80 -33.37 -7.04
CA LYS B 6 23.02 -34.42 -8.03
C LYS B 6 23.31 -33.70 -9.35
N ILE B 7 24.37 -34.10 -10.07
CA ILE B 7 24.79 -33.46 -11.33
C ILE B 7 24.74 -34.47 -12.46
N GLN B 8 24.02 -34.14 -13.54
CA GLN B 8 23.88 -34.98 -14.73
C GLN B 8 24.13 -34.10 -15.92
N VAL B 9 25.09 -34.51 -16.77
CA VAL B 9 25.54 -33.80 -17.98
C VAL B 9 25.16 -34.62 -19.21
N TYR B 10 24.50 -33.98 -20.18
CA TYR B 10 24.06 -34.67 -21.40
C TYR B 10 23.99 -33.74 -22.62
N SER B 11 24.01 -34.35 -23.81
CA SER B 11 23.87 -33.63 -25.07
C SER B 11 22.47 -33.90 -25.62
N ARG B 12 21.88 -32.89 -26.26
CA ARG B 12 20.55 -32.98 -26.84
C ARG B 12 20.55 -34.02 -27.99
N HIS B 13 21.56 -33.94 -28.86
CA HIS B 13 21.69 -34.83 -30.02
C HIS B 13 22.94 -35.70 -29.89
N PRO B 14 23.09 -36.81 -30.66
CA PRO B 14 24.32 -37.61 -30.58
C PRO B 14 25.54 -36.78 -30.96
N ALA B 15 26.67 -37.01 -30.26
CA ALA B 15 27.91 -36.28 -30.50
C ALA B 15 28.44 -36.54 -31.92
N GLU B 16 28.41 -35.49 -32.74
CA GLU B 16 28.92 -35.54 -34.10
C GLU B 16 29.74 -34.27 -34.34
N ASN B 17 31.05 -34.42 -34.62
CA ASN B 17 32.01 -33.33 -34.77
C ASN B 17 31.64 -32.37 -35.92
N GLY B 18 31.81 -31.08 -35.65
CA GLY B 18 31.54 -30.01 -36.62
C GLY B 18 30.09 -29.66 -36.90
N LYS B 19 29.15 -30.12 -36.03
CA LYS B 19 27.72 -29.80 -36.21
C LYS B 19 27.06 -29.42 -34.88
N SER B 20 26.19 -28.40 -34.96
CA SER B 20 25.44 -27.76 -33.89
C SER B 20 24.76 -28.78 -32.95
N ASN B 21 24.82 -28.48 -31.66
CA ASN B 21 24.27 -29.32 -30.59
C ASN B 21 24.04 -28.45 -29.36
N PHE B 22 23.43 -29.05 -28.33
CA PHE B 22 23.16 -28.36 -27.09
C PHE B 22 23.73 -29.16 -25.96
N LEU B 23 24.46 -28.47 -25.07
CA LEU B 23 25.06 -29.10 -23.89
C LEU B 23 24.18 -28.78 -22.70
N ASN B 24 23.83 -29.80 -21.93
CA ASN B 24 22.97 -29.62 -20.77
C ASN B 24 23.64 -30.07 -19.49
N CYS B 25 23.26 -29.46 -18.36
CA CYS B 25 23.70 -29.81 -17.02
C CYS B 25 22.52 -29.63 -16.07
N TYR B 26 21.97 -30.76 -15.61
CA TYR B 26 20.82 -30.79 -14.72
C TYR B 26 21.27 -31.04 -13.29
N VAL B 27 21.02 -30.07 -12.45
CA VAL B 27 21.37 -30.10 -11.04
C VAL B 27 20.04 -30.18 -10.28
N SER B 28 19.91 -31.19 -9.44
CA SER B 28 18.71 -31.47 -8.68
C SER B 28 19.06 -31.97 -7.29
N GLY B 29 18.03 -32.12 -6.47
CA GLY B 29 18.09 -32.66 -5.12
C GLY B 29 18.85 -31.91 -4.05
N PHE B 30 19.16 -30.60 -4.28
CA PHE B 30 19.90 -29.78 -3.32
C PHE B 30 18.98 -28.86 -2.52
N HIS B 31 19.50 -28.41 -1.39
CA HIS B 31 18.94 -27.43 -0.46
C HIS B 31 20.09 -26.94 0.44
N PRO B 32 20.23 -25.62 0.73
CA PRO B 32 19.48 -24.46 0.24
C PRO B 32 19.65 -24.21 -1.27
N SER B 33 18.81 -23.30 -1.83
CA SER B 33 18.71 -22.91 -3.25
C SER B 33 19.99 -22.35 -3.87
N ASP B 34 20.78 -21.58 -3.09
CA ASP B 34 22.01 -20.94 -3.55
C ASP B 34 22.96 -22.00 -4.12
N ILE B 35 23.37 -21.80 -5.38
CA ILE B 35 24.21 -22.72 -6.10
C ILE B 35 24.93 -21.98 -7.25
N GLU B 36 26.13 -22.44 -7.61
CA GLU B 36 26.88 -21.87 -8.72
C GLU B 36 27.20 -23.00 -9.67
N VAL B 37 26.68 -22.89 -10.90
CA VAL B 37 26.84 -23.91 -11.92
C VAL B 37 27.54 -23.30 -13.11
N ASP B 38 28.58 -23.99 -13.63
CA ASP B 38 29.33 -23.52 -14.79
C ASP B 38 29.54 -24.67 -15.76
N LEU B 39 29.34 -24.41 -17.05
CA LEU B 39 29.60 -25.36 -18.12
C LEU B 39 30.97 -25.01 -18.69
N LEU B 40 31.85 -25.98 -18.74
CA LEU B 40 33.23 -25.73 -19.14
C LEU B 40 33.53 -26.35 -20.51
N LYS B 41 34.47 -25.69 -21.23
CA LYS B 41 35.03 -26.12 -22.50
C LYS B 41 36.55 -26.09 -22.33
N ASN B 42 37.16 -27.28 -22.25
CA ASN B 42 38.61 -27.48 -22.05
C ASN B 42 39.09 -26.79 -20.75
N GLY B 43 38.29 -26.91 -19.68
CA GLY B 43 38.60 -26.39 -18.36
C GLY B 43 38.22 -24.94 -18.08
N GLU B 44 37.83 -24.18 -19.11
CA GLU B 44 37.45 -22.82 -18.87
C GLU B 44 35.97 -22.59 -19.18
N ARG B 45 35.33 -21.78 -18.31
CA ARG B 45 33.92 -21.39 -18.31
C ARG B 45 33.45 -20.87 -19.67
N ILE B 46 32.19 -21.24 -20.02
CA ILE B 46 31.48 -20.75 -21.19
C ILE B 46 30.61 -19.59 -20.70
N GLU B 47 30.77 -18.40 -21.30
CA GLU B 47 30.09 -17.20 -20.87
C GLU B 47 28.60 -17.24 -21.20
N LYS B 48 28.28 -17.52 -22.48
CA LYS B 48 26.93 -17.64 -23.04
C LYS B 48 26.29 -18.96 -22.53
N VAL B 49 25.67 -18.94 -21.32
CA VAL B 49 25.04 -20.11 -20.71
C VAL B 49 23.68 -19.69 -20.15
N GLU B 50 22.64 -20.34 -20.66
CA GLU B 50 21.26 -20.10 -20.27
C GLU B 50 20.85 -21.09 -19.19
N HIS B 51 19.89 -20.69 -18.35
CA HIS B 51 19.41 -21.59 -17.33
C HIS B 51 17.95 -21.30 -17.02
N SER B 52 17.28 -22.29 -16.44
CA SER B 52 15.89 -22.23 -16.03
C SER B 52 15.71 -21.36 -14.83
N ASP B 53 14.46 -20.94 -14.54
CA ASP B 53 14.13 -20.22 -13.33
C ASP B 53 14.04 -21.27 -12.21
N LEU B 54 14.34 -20.90 -10.99
CA LEU B 54 14.30 -21.83 -9.87
C LEU B 54 12.95 -22.52 -9.71
N SER B 55 12.98 -23.83 -9.69
CA SER B 55 11.85 -24.70 -9.41
C SER B 55 12.32 -25.71 -8.33
N PHE B 56 11.40 -26.45 -7.73
CA PHE B 56 11.72 -27.45 -6.70
C PHE B 56 10.78 -28.65 -6.81
N SER B 57 11.20 -29.82 -6.26
CA SER B 57 10.42 -31.07 -6.29
C SER B 57 9.44 -31.07 -5.14
N LYS B 58 8.61 -32.12 -5.03
CA LYS B 58 7.63 -32.26 -3.95
C LYS B 58 8.30 -32.30 -2.54
N ASP B 59 9.53 -32.86 -2.46
CA ASP B 59 10.35 -33.06 -1.25
C ASP B 59 11.09 -31.76 -0.84
N TRP B 60 10.84 -30.68 -1.60
CA TRP B 60 11.29 -29.29 -1.42
C TRP B 60 12.71 -29.08 -1.88
N SER B 61 13.34 -30.09 -2.48
CA SER B 61 14.72 -29.91 -2.91
C SER B 61 14.68 -29.24 -4.27
N PHE B 62 15.61 -28.32 -4.54
CA PHE B 62 15.62 -27.49 -5.74
C PHE B 62 16.22 -28.17 -6.96
N TYR B 63 15.90 -27.61 -8.15
CA TYR B 63 16.42 -28.12 -9.41
C TYR B 63 16.51 -27.01 -10.44
N LEU B 64 17.55 -27.08 -11.26
CA LEU B 64 17.83 -26.12 -12.30
C LEU B 64 18.44 -26.81 -13.48
N LEU B 65 18.13 -26.31 -14.69
CA LEU B 65 18.73 -26.80 -15.93
C LEU B 65 19.57 -25.70 -16.57
N TYR B 66 20.87 -25.93 -16.70
CA TYR B 66 21.86 -25.08 -17.37
C TYR B 66 22.15 -25.66 -18.73
N TYR B 67 22.20 -24.80 -19.78
CA TYR B 67 22.38 -25.23 -21.18
C TYR B 67 23.02 -24.15 -22.05
N THR B 68 23.60 -24.56 -23.18
CA THR B 68 24.23 -23.71 -24.17
C THR B 68 24.36 -24.45 -25.51
N GLU B 69 24.31 -23.69 -26.60
CA GLU B 69 24.51 -24.20 -27.95
C GLU B 69 26.04 -24.35 -28.19
N PHE B 70 26.47 -25.52 -28.67
CA PHE B 70 27.89 -25.80 -28.92
C PHE B 70 28.09 -26.69 -30.17
N THR B 71 29.29 -26.65 -30.75
CA THR B 71 29.70 -27.41 -31.93
C THR B 71 31.00 -28.10 -31.53
N PRO B 72 30.97 -29.41 -31.15
CA PRO B 72 32.19 -30.04 -30.66
C PRO B 72 33.13 -30.51 -31.76
N THR B 73 34.44 -30.47 -31.48
CA THR B 73 35.49 -30.98 -32.38
C THR B 73 36.14 -32.18 -31.71
N GLU B 74 37.01 -32.89 -32.43
CA GLU B 74 37.71 -34.08 -31.95
C GLU B 74 38.50 -33.84 -30.64
N LYS B 75 39.19 -32.68 -30.52
CA LYS B 75 40.05 -32.30 -29.41
C LYS B 75 39.31 -31.73 -28.17
N ASP B 76 38.09 -31.21 -28.37
CA ASP B 76 37.29 -30.57 -27.32
C ASP B 76 36.78 -31.52 -26.24
N GLU B 77 36.94 -31.11 -24.96
CA GLU B 77 36.48 -31.79 -23.74
C GLU B 77 35.51 -30.87 -22.99
N TYR B 78 34.31 -31.37 -22.60
CA TYR B 78 33.30 -30.54 -21.93
C TYR B 78 32.92 -31.11 -20.56
N ALA B 79 32.54 -30.21 -19.65
CA ALA B 79 32.20 -30.57 -18.28
C ALA B 79 31.23 -29.57 -17.67
N CYS B 80 30.84 -29.84 -16.41
CA CYS B 80 29.95 -29.01 -15.60
C CYS B 80 30.48 -28.92 -14.17
N ARG B 81 30.96 -27.73 -13.78
CA ARG B 81 31.47 -27.46 -12.45
C ARG B 81 30.36 -26.86 -11.60
N VAL B 82 30.07 -27.51 -10.46
CA VAL B 82 29.01 -27.10 -9.53
C VAL B 82 29.57 -26.83 -8.11
N ASN B 83 29.23 -25.65 -7.54
CA ASN B 83 29.61 -25.24 -6.19
C ASN B 83 28.35 -24.95 -5.36
N HIS B 84 28.28 -25.57 -4.17
CA HIS B 84 27.18 -25.52 -3.21
C HIS B 84 27.78 -25.47 -1.79
N VAL B 85 26.97 -25.11 -0.76
CA VAL B 85 27.40 -25.01 0.65
C VAL B 85 27.82 -26.42 1.18
N THR B 86 27.16 -27.49 0.68
CA THR B 86 27.41 -28.91 1.01
C THR B 86 28.70 -29.45 0.38
N LEU B 87 29.35 -28.62 -0.48
CA LEU B 87 30.59 -28.98 -1.15
C LEU B 87 31.74 -28.10 -0.70
N SER B 88 32.79 -28.77 -0.21
CA SER B 88 34.06 -28.24 0.27
C SER B 88 34.98 -27.85 -0.91
N GLN B 89 34.71 -28.40 -2.12
CA GLN B 89 35.45 -28.15 -3.36
C GLN B 89 34.46 -28.23 -4.55
N PRO B 90 34.62 -27.42 -5.63
CA PRO B 90 33.68 -27.52 -6.76
C PRO B 90 33.81 -28.87 -7.45
N LYS B 91 32.68 -29.61 -7.55
CA LYS B 91 32.56 -30.93 -8.18
C LYS B 91 32.40 -30.74 -9.69
N ILE B 92 33.28 -31.37 -10.47
CA ILE B 92 33.29 -31.31 -11.94
C ILE B 92 32.75 -32.64 -12.45
N VAL B 93 31.72 -32.58 -13.30
CA VAL B 93 31.15 -33.76 -13.92
C VAL B 93 31.34 -33.56 -15.42
N LYS B 94 32.16 -34.40 -16.03
CA LYS B 94 32.48 -34.27 -17.44
C LYS B 94 31.36 -34.84 -18.31
N TRP B 95 31.36 -34.39 -19.57
CA TRP B 95 30.44 -34.85 -20.58
C TRP B 95 31.14 -36.01 -21.35
N ASP B 96 30.64 -37.24 -21.16
CA ASP B 96 31.19 -38.42 -21.81
C ASP B 96 30.77 -38.50 -23.27
N ARG B 97 31.73 -38.83 -24.12
CA ARG B 97 31.53 -38.97 -25.56
C ARG B 97 31.88 -40.39 -26.01
N GLY C 1 -15.20 -2.72 -4.68
CA GLY C 1 -16.24 -1.68 -4.75
C GLY C 1 -16.74 -1.23 -3.40
N ASN C 2 -15.81 -0.79 -2.52
CA ASN C 2 -16.09 -0.32 -1.16
C ASN C 2 -16.76 1.04 -1.13
N SER C 3 -17.57 1.26 -0.09
CA SER C 3 -18.26 2.54 0.17
C SER C 3 -18.52 2.70 1.66
N VAL C 4 -18.61 3.95 2.10
CA VAL C 4 -18.90 4.31 3.49
C VAL C 4 -20.02 5.32 3.43
N THR C 5 -21.11 5.07 4.19
CA THR C 5 -22.26 5.97 4.26
C THR C 5 -22.50 6.38 5.74
N GLN C 6 -22.23 7.66 6.04
CA GLN C 6 -22.42 8.25 7.37
C GLN C 6 -23.51 9.38 7.34
N MET C 7 -23.87 9.90 8.53
CA MET C 7 -24.93 10.89 8.76
C MET C 7 -24.92 12.06 7.80
N GLU C 8 -26.10 12.25 7.19
CA GLU C 8 -26.49 13.20 6.13
C GLU C 8 -25.89 14.59 6.23
N GLY C 9 -25.84 15.19 7.42
CA GLY C 9 -25.35 16.56 7.52
C GLY C 9 -24.97 17.07 8.89
N PRO C 10 -25.02 18.42 9.10
CA PRO C 10 -24.60 19.00 10.39
C PRO C 10 -25.48 18.61 11.56
N VAL C 11 -24.85 18.35 12.71
CA VAL C 11 -25.56 17.98 13.92
C VAL C 11 -25.17 18.92 15.05
N THR C 12 -26.20 19.61 15.59
CA THR C 12 -26.09 20.55 16.71
C THR C 12 -26.64 19.84 17.95
N LEU C 13 -25.87 19.88 19.05
CA LEU C 13 -26.21 19.29 20.34
C LEU C 13 -25.80 20.20 21.44
N SER C 14 -26.60 20.22 22.51
CA SER C 14 -26.27 20.99 23.69
C SER C 14 -25.21 20.24 24.49
N GLU C 15 -24.48 20.96 25.34
CA GLU C 15 -23.45 20.43 26.23
C GLU C 15 -24.06 19.37 27.16
N GLU C 16 -23.40 18.19 27.24
CA GLU C 16 -23.77 17.02 28.05
C GLU C 16 -24.88 16.14 27.39
N ALA C 17 -25.19 16.38 26.10
CA ALA C 17 -26.21 15.58 25.39
C ALA C 17 -25.62 14.29 24.89
N PHE C 18 -26.48 13.29 24.63
CA PHE C 18 -26.04 12.01 24.06
C PHE C 18 -25.83 12.19 22.56
N LEU C 19 -24.65 11.79 22.06
CA LEU C 19 -24.32 11.86 20.64
C LEU C 19 -24.36 10.49 20.02
N THR C 20 -24.87 10.40 18.77
CA THR C 20 -24.90 9.22 17.90
C THR C 20 -24.67 9.67 16.47
N ILE C 21 -23.56 9.22 15.89
CA ILE C 21 -23.24 9.48 14.48
C ILE C 21 -23.27 8.12 13.80
N ASN C 22 -24.30 7.85 13.02
CA ASN C 22 -24.46 6.57 12.35
C ASN C 22 -23.51 6.43 11.17
N CYS C 23 -22.94 5.24 11.01
CA CYS C 23 -22.07 4.84 9.90
C CYS C 23 -22.32 3.39 9.56
N THR C 24 -22.51 3.14 8.24
CA THR C 24 -22.68 1.83 7.61
C THR C 24 -21.76 1.80 6.41
N TYR C 25 -21.34 0.60 6.00
CA TYR C 25 -20.41 0.39 4.90
C TYR C 25 -20.91 -0.74 3.98
N THR C 26 -20.28 -0.85 2.79
CA THR C 26 -20.45 -1.94 1.81
C THR C 26 -19.03 -2.28 1.38
N ALA C 27 -18.62 -3.52 1.58
CA ALA C 27 -17.29 -4.02 1.24
C ALA C 27 -17.35 -5.52 1.04
N THR C 28 -16.48 -6.04 0.22
CA THR C 28 -16.35 -7.48 0.05
C THR C 28 -15.17 -7.91 0.95
N GLY C 29 -15.41 -8.88 1.84
CA GLY C 29 -14.38 -9.39 2.71
C GLY C 29 -14.55 -9.06 4.17
N TYR C 30 -13.40 -8.86 4.87
CA TYR C 30 -13.26 -8.60 6.30
C TYR C 30 -12.44 -7.31 6.49
N PRO C 31 -13.02 -6.13 6.16
CA PRO C 31 -12.25 -4.89 6.26
C PRO C 31 -12.10 -4.43 7.69
N SER C 32 -11.25 -3.41 7.93
CA SER C 32 -11.06 -2.82 9.25
C SER C 32 -11.82 -1.52 9.22
N LEU C 33 -12.39 -1.07 10.38
CA LEU C 33 -13.19 0.18 10.42
C LEU C 33 -12.58 1.22 11.38
N PHE C 34 -12.71 2.50 11.02
CA PHE C 34 -12.12 3.61 11.75
C PHE C 34 -13.05 4.81 11.85
N TRP C 35 -12.78 5.64 12.84
CA TRP C 35 -13.37 6.94 13.05
C TRP C 35 -12.21 7.89 13.13
N TYR C 36 -12.26 8.92 12.28
CA TYR C 36 -11.27 10.00 12.24
C TYR C 36 -11.97 11.24 12.70
N VAL C 37 -11.29 12.07 13.51
CA VAL C 37 -11.82 13.35 14.00
C VAL C 37 -10.96 14.48 13.36
N GLN C 38 -11.60 15.55 12.87
CA GLN C 38 -10.92 16.69 12.29
C GLN C 38 -11.34 17.95 13.02
N TYR C 39 -10.48 18.48 13.90
CA TYR C 39 -10.75 19.68 14.68
C TYR C 39 -10.57 20.91 13.82
N PRO C 40 -11.32 22.02 14.09
CA PRO C 40 -11.21 23.22 13.25
C PRO C 40 -9.76 23.74 13.08
N GLY C 41 -9.38 23.98 11.83
CA GLY C 41 -8.05 24.42 11.45
C GLY C 41 -6.98 23.35 11.48
N GLU C 42 -7.35 22.09 11.74
CA GLU C 42 -6.41 20.98 11.86
C GLU C 42 -6.61 19.93 10.76
N GLY C 43 -5.70 18.97 10.72
CA GLY C 43 -5.81 17.85 9.82
C GLY C 43 -6.64 16.78 10.50
N LEU C 44 -6.88 15.68 9.81
CA LEU C 44 -7.59 14.52 10.38
C LEU C 44 -6.69 13.72 11.34
N GLN C 45 -7.30 13.07 12.32
CA GLN C 45 -6.59 12.21 13.25
C GLN C 45 -7.48 11.07 13.67
N LEU C 46 -6.90 9.92 13.91
CA LEU C 46 -7.67 8.79 14.38
C LEU C 46 -8.30 9.13 15.74
N LEU C 47 -9.59 8.83 15.86
CA LEU C 47 -10.32 8.92 17.09
C LEU C 47 -10.25 7.53 17.69
N LEU C 48 -10.75 6.52 16.94
CA LEU C 48 -10.78 5.12 17.33
C LEU C 48 -10.96 4.21 16.11
N LYS C 49 -10.68 2.90 16.31
CA LYS C 49 -10.74 1.88 15.29
C LYS C 49 -11.13 0.52 15.90
N ALA C 50 -11.53 -0.38 15.03
CA ALA C 50 -11.93 -1.75 15.29
C ALA C 50 -11.50 -2.56 14.07
N THR C 51 -10.35 -3.26 14.20
CA THR C 51 -9.71 -4.02 13.12
C THR C 51 -10.53 -5.23 12.65
N LYS C 52 -11.37 -5.84 13.52
CA LYS C 52 -12.16 -7.02 13.14
C LYS C 52 -13.59 -6.95 13.70
N ALA C 53 -14.52 -7.70 13.07
CA ALA C 53 -15.94 -7.71 13.47
C ALA C 53 -16.09 -8.04 14.93
N ASP C 54 -16.95 -7.27 15.60
CA ASP C 54 -17.32 -7.29 17.02
C ASP C 54 -16.29 -6.57 17.89
N ASP C 55 -15.24 -5.95 17.28
CA ASP C 55 -14.28 -5.14 18.04
C ASP C 55 -14.93 -3.82 18.46
N LYS C 56 -14.42 -3.19 19.52
CA LYS C 56 -14.96 -1.96 20.06
C LYS C 56 -13.84 -0.93 20.25
N GLY C 57 -13.94 0.18 19.50
CA GLY C 57 -13.03 1.32 19.59
C GLY C 57 -13.48 2.26 20.69
N SER C 58 -12.54 2.74 21.51
CA SER C 58 -12.87 3.63 22.62
C SER C 58 -11.81 4.72 22.74
N ASN C 59 -12.26 5.99 22.72
CA ASN C 59 -11.36 7.15 22.90
C ASN C 59 -12.14 8.40 23.21
N LYS C 60 -11.61 9.23 24.16
CA LYS C 60 -12.16 10.53 24.60
C LYS C 60 -13.69 10.46 24.91
N GLY C 61 -14.12 9.41 25.61
CA GLY C 61 -15.54 9.23 25.92
C GLY C 61 -16.36 8.62 24.79
N PHE C 62 -15.84 8.65 23.54
CA PHE C 62 -16.49 8.08 22.35
C PHE C 62 -16.27 6.59 22.24
N GLU C 63 -17.23 5.89 21.63
CA GLU C 63 -17.09 4.47 21.38
C GLU C 63 -17.86 4.04 20.12
N ALA C 64 -17.40 2.94 19.49
CA ALA C 64 -17.98 2.39 18.26
C ALA C 64 -17.71 0.90 18.17
N THR C 65 -18.77 0.10 18.09
CA THR C 65 -18.70 -1.35 17.92
C THR C 65 -18.94 -1.70 16.44
N TYR C 66 -17.99 -2.47 15.88
CA TYR C 66 -17.96 -3.00 14.52
C TYR C 66 -18.99 -4.17 14.39
N ARG C 67 -20.21 -3.87 13.90
CA ARG C 67 -21.25 -4.91 13.75
C ARG C 67 -21.41 -5.32 12.28
N LYS C 68 -20.79 -6.47 11.91
CA LYS C 68 -20.78 -7.04 10.55
C LYS C 68 -22.19 -7.33 10.01
N GLU C 69 -23.09 -7.81 10.87
CA GLU C 69 -24.48 -8.16 10.55
C GLU C 69 -25.28 -6.95 10.05
N THR C 70 -25.12 -5.79 10.74
CA THR C 70 -25.83 -4.56 10.39
C THR C 70 -24.89 -3.67 9.55
N THR C 71 -23.72 -4.24 9.10
CA THR C 71 -22.61 -3.61 8.34
C THR C 71 -22.39 -2.18 8.85
N SER C 72 -22.28 -2.02 10.18
CA SER C 72 -22.21 -0.71 10.81
C SER C 72 -21.01 -0.48 11.74
N PHE C 73 -20.77 0.81 12.04
CA PHE C 73 -19.74 1.30 12.96
C PHE C 73 -20.22 2.64 13.54
N HIS C 74 -21.38 2.61 14.25
CA HIS C 74 -22.03 3.80 14.82
C HIS C 74 -21.20 4.41 15.98
N LEU C 75 -21.00 5.74 15.91
CA LEU C 75 -20.24 6.48 16.90
C LEU C 75 -21.20 6.98 17.96
N GLU C 76 -20.82 6.86 19.25
CA GLU C 76 -21.64 7.23 20.41
C GLU C 76 -20.80 7.87 21.51
N LYS C 77 -21.40 8.84 22.23
CA LYS C 77 -20.81 9.50 23.40
C LYS C 77 -21.94 9.91 24.34
N GLY C 78 -21.81 9.51 25.62
CA GLY C 78 -22.80 9.78 26.67
C GLY C 78 -23.01 11.23 27.05
N SER C 79 -21.95 12.06 27.00
CA SER C 79 -22.02 13.47 27.38
C SER C 79 -20.98 14.27 26.61
N VAL C 80 -21.40 14.81 25.45
CA VAL C 80 -20.56 15.61 24.55
C VAL C 80 -20.05 16.90 25.20
N GLN C 81 -18.76 17.17 25.07
CA GLN C 81 -18.08 18.36 25.58
C GLN C 81 -18.03 19.38 24.47
N VAL C 82 -17.84 20.67 24.79
CA VAL C 82 -17.75 21.74 23.77
C VAL C 82 -16.51 21.51 22.85
N SER C 83 -15.46 20.85 23.38
CA SER C 83 -14.20 20.54 22.69
C SER C 83 -14.39 19.43 21.61
N ASP C 84 -15.61 18.80 21.54
CA ASP C 84 -15.95 17.75 20.57
C ASP C 84 -16.41 18.34 19.22
N SER C 85 -16.58 19.68 19.15
CA SER C 85 -16.93 20.37 17.91
C SER C 85 -15.86 20.09 16.86
N ALA C 86 -16.18 19.17 15.93
CA ALA C 86 -15.27 18.78 14.84
C ALA C 86 -16.01 18.02 13.74
N VAL C 87 -15.32 17.66 12.65
CA VAL C 87 -15.90 16.82 11.59
C VAL C 87 -15.45 15.39 11.85
N TYR C 88 -16.38 14.45 11.80
CA TYR C 88 -16.15 13.05 12.09
C TYR C 88 -16.28 12.28 10.82
N PHE C 89 -15.19 11.61 10.43
CA PHE C 89 -15.11 10.79 9.24
C PHE C 89 -15.08 9.34 9.61
N CYS C 90 -16.05 8.58 9.13
CA CYS C 90 -16.06 7.14 9.20
C CYS C 90 -15.14 6.67 8.07
N ALA C 91 -14.38 5.58 8.29
CA ALA C 91 -13.38 5.11 7.34
C ALA C 91 -13.30 3.57 7.28
N LEU C 92 -12.74 3.07 6.18
CA LEU C 92 -12.67 1.64 5.92
C LEU C 92 -11.47 1.32 5.07
N THR C 93 -10.77 0.22 5.40
CA THR C 93 -9.66 -0.25 4.57
C THR C 93 -9.56 -1.79 4.66
N PRO C 94 -9.17 -2.54 3.58
CA PRO C 94 -8.99 -4.01 3.75
C PRO C 94 -8.05 -4.30 4.93
N SER C 95 -8.23 -5.40 5.65
CA SER C 95 -7.38 -5.70 6.80
C SER C 95 -5.90 -5.86 6.45
N GLY C 96 -5.03 -5.30 7.28
CA GLY C 96 -3.59 -5.31 7.04
C GLY C 96 -3.05 -3.93 6.77
N GLY C 97 -3.91 -3.06 6.23
CA GLY C 97 -3.57 -1.68 5.90
C GLY C 97 -2.67 -1.53 4.69
N TYR C 98 -2.62 -2.58 3.83
CA TYR C 98 -1.80 -2.59 2.61
C TYR C 98 -2.49 -1.92 1.41
N GLN C 99 -3.77 -1.53 1.56
CA GLN C 99 -4.55 -0.90 0.50
C GLN C 99 -5.11 0.42 0.98
N LYS C 100 -5.59 1.28 0.03
CA LYS C 100 -6.14 2.61 0.30
C LYS C 100 -7.29 2.58 1.29
N VAL C 101 -7.55 3.74 1.90
CA VAL C 101 -8.62 3.95 2.85
C VAL C 101 -9.80 4.64 2.11
N THR C 102 -11.02 4.20 2.44
CA THR C 102 -12.28 4.76 1.96
C THR C 102 -12.90 5.53 3.10
N PHE C 103 -13.09 6.85 2.91
CA PHE C 103 -13.70 7.76 3.87
C PHE C 103 -15.07 8.12 3.46
N GLY C 104 -15.93 8.40 4.43
CA GLY C 104 -17.26 8.92 4.20
C GLY C 104 -17.08 10.40 3.95
N THR C 105 -18.17 11.14 3.71
CA THR C 105 -18.07 12.58 3.43
C THR C 105 -17.71 13.37 4.70
N GLY C 106 -17.91 12.78 5.87
CA GLY C 106 -17.68 13.46 7.13
C GLY C 106 -18.98 14.11 7.62
N THR C 107 -19.18 14.08 8.94
CA THR C 107 -20.33 14.66 9.65
C THR C 107 -19.82 15.83 10.49
N LYS C 108 -20.44 17.02 10.40
CA LYS C 108 -20.01 18.13 11.22
C LYS C 108 -20.75 18.07 12.53
N LEU C 109 -20.03 18.20 13.66
CA LEU C 109 -20.60 18.24 15.01
C LEU C 109 -20.41 19.62 15.59
N GLN C 110 -21.51 20.22 16.05
CA GLN C 110 -21.50 21.51 16.71
C GLN C 110 -22.08 21.33 18.11
N VAL C 111 -21.21 21.34 19.17
CA VAL C 111 -21.63 21.19 20.57
C VAL C 111 -21.78 22.59 21.18
N ILE C 112 -23.03 23.02 21.35
CA ILE C 112 -23.37 24.36 21.85
C ILE C 112 -23.41 24.33 23.40
N PRO C 113 -22.87 25.36 24.10
CA PRO C 113 -22.82 25.29 25.57
C PRO C 113 -24.12 25.69 26.26
N ASN C 114 -24.33 25.19 27.48
CA ASN C 114 -25.53 25.51 28.25
C ASN C 114 -25.27 26.80 29.00
N ILE C 115 -25.97 27.89 28.60
CA ILE C 115 -25.88 29.22 29.22
C ILE C 115 -26.80 29.24 30.43
N GLN C 116 -26.20 29.36 31.64
CA GLN C 116 -26.89 29.34 32.93
C GLN C 116 -27.70 30.62 33.17
N ASN C 117 -27.12 31.78 32.81
CA ASN C 117 -27.82 33.06 33.01
C ASN C 117 -27.82 33.88 31.70
N PRO C 118 -28.76 33.61 30.75
CA PRO C 118 -28.79 34.38 29.50
C PRO C 118 -29.28 35.81 29.72
N ASP C 119 -28.46 36.78 29.30
CA ASP C 119 -28.73 38.21 29.41
C ASP C 119 -28.46 38.90 28.04
N PRO C 120 -29.29 38.64 27.01
CA PRO C 120 -29.03 39.24 25.69
C PRO C 120 -29.00 40.77 25.73
N ALA C 121 -27.98 41.35 25.11
CA ALA C 121 -27.78 42.79 25.00
C ALA C 121 -26.94 43.10 23.78
N VAL C 122 -27.20 44.26 23.19
CA VAL C 122 -26.45 44.75 22.04
C VAL C 122 -25.65 45.97 22.50
N TYR C 123 -24.33 45.95 22.24
CA TYR C 123 -23.40 47.00 22.62
C TYR C 123 -22.75 47.61 21.41
N GLN C 124 -22.41 48.91 21.47
CA GLN C 124 -21.70 49.63 20.43
C GLN C 124 -20.28 49.90 20.95
N LEU C 125 -19.26 49.45 20.18
CA LEU C 125 -17.85 49.56 20.55
C LEU C 125 -17.12 50.56 19.68
N ARG C 126 -16.43 51.53 20.34
CA ARG C 126 -15.69 52.59 19.66
C ARG C 126 -14.26 52.15 19.37
N ASP C 127 -13.77 52.45 18.15
CA ASP C 127 -12.41 52.15 17.74
C ASP C 127 -11.41 52.90 18.64
N SER C 128 -10.37 52.19 19.13
CA SER C 128 -9.30 52.73 19.98
C SER C 128 -8.52 53.85 19.28
N LYS C 129 -8.43 53.80 17.92
CA LYS C 129 -7.78 54.79 17.06
C LYS C 129 -8.78 55.92 16.73
N SER C 130 -8.27 57.13 16.44
CA SER C 130 -9.04 58.35 16.14
C SER C 130 -10.29 58.09 15.28
N SER C 131 -10.19 57.14 14.31
CA SER C 131 -11.25 56.74 13.38
C SER C 131 -12.56 56.52 14.12
N ASP C 132 -13.64 57.23 13.72
CA ASP C 132 -14.93 57.04 14.40
C ASP C 132 -15.71 55.85 13.82
N LYS C 133 -15.01 54.71 13.68
CA LYS C 133 -15.57 53.44 13.26
C LYS C 133 -16.18 52.81 14.49
N SER C 134 -17.28 52.06 14.28
CA SER C 134 -17.96 51.40 15.38
C SER C 134 -18.32 49.97 14.96
N VAL C 135 -18.44 49.09 15.97
CA VAL C 135 -18.91 47.73 15.76
C VAL C 135 -20.04 47.49 16.75
N CYS C 136 -20.90 46.53 16.44
CA CYS C 136 -22.01 46.10 17.26
C CYS C 136 -21.70 44.74 17.82
N LEU C 137 -21.98 44.54 19.11
CA LEU C 137 -21.69 43.28 19.76
C LEU C 137 -22.92 42.75 20.44
N PHE C 138 -23.47 41.67 19.88
CA PHE C 138 -24.59 40.92 20.42
C PHE C 138 -23.96 39.82 21.24
N THR C 139 -24.14 39.84 22.54
CA THR C 139 -23.54 38.87 23.44
C THR C 139 -24.53 38.46 24.53
N ASP C 140 -24.15 37.43 25.30
CA ASP C 140 -24.80 36.87 26.48
C ASP C 140 -26.19 36.30 26.16
N PHE C 141 -26.44 35.96 24.90
CA PHE C 141 -27.70 35.32 24.50
C PHE C 141 -27.57 33.81 24.71
N ASP C 142 -28.71 33.08 24.80
CA ASP C 142 -28.65 31.63 24.96
C ASP C 142 -28.28 30.94 23.63
N SER C 143 -27.94 29.64 23.71
CA SER C 143 -27.49 28.84 22.57
C SER C 143 -28.55 28.58 21.49
N GLN C 144 -29.84 28.62 21.86
CA GLN C 144 -30.97 28.38 20.93
C GLN C 144 -31.23 29.61 20.04
N THR C 145 -30.77 30.80 20.44
CA THR C 145 -30.91 32.04 19.69
C THR C 145 -30.17 31.92 18.37
N ASN C 146 -30.88 32.18 17.27
CA ASN C 146 -30.31 32.17 15.92
C ASN C 146 -29.82 33.57 15.55
N VAL C 147 -28.67 33.64 14.88
CA VAL C 147 -28.12 34.93 14.45
C VAL C 147 -28.76 35.26 13.11
N SER C 148 -29.50 36.38 13.05
CA SER C 148 -30.19 36.80 11.83
C SER C 148 -29.17 37.17 10.76
N GLN C 149 -29.30 36.57 9.56
CA GLN C 149 -28.43 36.86 8.43
C GLN C 149 -28.67 38.30 7.99
N SER C 150 -27.63 38.92 7.43
CA SER C 150 -27.62 40.32 7.00
C SER C 150 -28.88 40.76 6.17
N LYS C 151 -29.04 40.23 4.92
CA LYS C 151 -30.10 40.56 3.95
C LYS C 151 -30.03 42.09 3.61
N ASP C 152 -28.77 42.56 3.61
CA ASP C 152 -28.31 43.90 3.26
C ASP C 152 -26.89 43.65 2.71
N SER C 153 -26.55 44.21 1.56
CA SER C 153 -25.23 44.01 0.95
C SER C 153 -24.01 44.57 1.72
N ASP C 154 -24.11 45.79 2.31
CA ASP C 154 -22.99 46.44 3.00
C ASP C 154 -23.01 46.29 4.53
N VAL C 155 -23.94 45.48 5.08
CA VAL C 155 -23.96 45.21 6.51
C VAL C 155 -23.40 43.80 6.72
N TYR C 156 -22.51 43.63 7.69
CA TYR C 156 -21.83 42.37 7.92
C TYR C 156 -22.10 41.89 9.32
N ILE C 157 -22.65 40.69 9.43
CA ILE C 157 -22.94 40.03 10.70
C ILE C 157 -22.16 38.72 10.71
N THR C 158 -21.31 38.53 11.72
CA THR C 158 -20.55 37.30 11.87
C THR C 158 -21.44 36.21 12.46
N ASP C 159 -20.92 34.99 12.46
CA ASP C 159 -21.61 33.87 13.04
C ASP C 159 -21.33 33.86 14.55
N LYS C 160 -22.13 33.13 15.29
CA LYS C 160 -21.90 33.08 16.73
C LYS C 160 -20.67 32.28 17.08
N CYS C 161 -20.01 32.73 18.13
CA CYS C 161 -18.79 32.12 18.59
C CYS C 161 -18.83 32.11 20.10
N VAL C 162 -18.22 31.11 20.70
CA VAL C 162 -18.20 30.93 22.14
C VAL C 162 -16.86 31.23 22.75
N LEU C 163 -16.85 32.04 23.78
CA LEU C 163 -15.62 32.35 24.48
C LEU C 163 -15.71 31.83 25.90
N ASP C 164 -14.62 31.26 26.39
CA ASP C 164 -14.60 30.73 27.74
C ASP C 164 -13.55 31.45 28.57
N MET C 165 -13.98 32.12 29.64
CA MET C 165 -13.08 32.74 30.59
C MET C 165 -12.94 31.62 31.62
N ARG C 166 -11.94 30.77 31.43
CA ARG C 166 -11.64 29.56 32.20
C ARG C 166 -11.42 29.80 33.70
N SER C 167 -10.80 30.91 34.11
CA SER C 167 -10.56 31.26 35.52
C SER C 167 -11.88 31.37 36.30
N MET C 168 -12.91 31.99 35.70
CA MET C 168 -14.24 32.24 36.27
C MET C 168 -15.28 31.18 35.86
N ASP C 169 -14.88 30.27 34.92
CA ASP C 169 -15.69 29.20 34.30
C ASP C 169 -17.03 29.73 33.80
N PHE C 170 -16.94 30.81 33.02
CA PHE C 170 -18.04 31.52 32.38
C PHE C 170 -17.87 31.44 30.88
N LYS C 171 -18.86 30.87 30.21
CA LYS C 171 -18.91 30.77 28.76
C LYS C 171 -19.94 31.77 28.25
N SER C 172 -19.70 32.36 27.09
CA SER C 172 -20.62 33.30 26.51
C SER C 172 -20.62 33.29 24.98
N ASN C 173 -21.80 33.41 24.40
CA ASN C 173 -22.01 33.45 22.97
C ASN C 173 -21.89 34.88 22.48
N SER C 174 -21.35 35.08 21.29
CA SER C 174 -21.28 36.42 20.72
C SER C 174 -21.21 36.45 19.19
N ALA C 175 -21.89 37.44 18.62
CA ALA C 175 -21.88 37.75 17.21
C ALA C 175 -21.49 39.23 17.07
N VAL C 176 -20.78 39.55 16.02
CA VAL C 176 -20.30 40.90 15.77
C VAL C 176 -21.00 41.39 14.51
N ALA C 177 -21.34 42.66 14.49
CA ALA C 177 -21.96 43.26 13.34
C ALA C 177 -21.26 44.55 13.07
N TRP C 178 -21.17 44.93 11.81
CA TRP C 178 -20.56 46.20 11.46
C TRP C 178 -21.02 46.61 10.07
N SER C 179 -20.90 47.90 9.81
CA SER C 179 -21.25 48.52 8.54
C SER C 179 -20.46 49.79 8.36
N ASN C 180 -20.13 50.05 7.10
CA ASN C 180 -19.42 51.23 6.59
C ASN C 180 -20.49 52.17 5.98
N LYS C 181 -21.30 52.80 6.87
CA LYS C 181 -22.39 53.71 6.49
C LYS C 181 -22.36 54.96 7.39
N ASP C 183 -26.27 55.99 7.48
CA ASP C 183 -26.20 55.84 8.94
C ASP C 183 -26.59 54.43 9.36
N PHE C 184 -25.73 53.79 10.19
CA PHE C 184 -25.96 52.43 10.68
C PHE C 184 -26.07 52.38 12.23
N ALA C 185 -27.25 51.97 12.71
CA ALA C 185 -27.55 51.83 14.14
C ALA C 185 -27.35 50.38 14.56
N CYS C 186 -26.94 50.16 15.82
CA CYS C 186 -26.67 48.80 16.29
C CYS C 186 -27.93 47.98 16.46
N ALA C 187 -27.79 46.64 16.26
CA ALA C 187 -28.77 45.54 16.31
C ALA C 187 -29.65 45.51 15.08
N ALA D 2 8.67 16.08 13.08
CA ALA D 2 7.66 16.04 14.15
C ALA D 2 6.33 15.44 13.62
N GLY D 3 6.38 14.16 13.28
CA GLY D 3 5.26 13.42 12.69
C GLY D 3 5.21 13.71 11.21
N VAL D 4 4.06 14.18 10.73
CA VAL D 4 3.91 14.58 9.32
C VAL D 4 3.92 16.12 9.31
N THR D 5 4.89 16.72 8.60
CA THR D 5 5.04 18.17 8.42
C THR D 5 4.79 18.54 6.95
N GLN D 6 4.39 19.79 6.69
CA GLN D 6 4.15 20.29 5.33
C GLN D 6 4.70 21.68 5.13
N THR D 7 5.29 21.93 3.96
CA THR D 7 5.76 23.25 3.53
C THR D 7 5.32 23.45 2.07
N PRO D 8 4.74 24.63 1.70
CA PRO D 8 4.47 25.80 2.55
C PRO D 8 3.21 25.55 3.39
N LYS D 9 2.87 26.48 4.28
CA LYS D 9 1.66 26.43 5.10
C LYS D 9 0.53 27.12 4.30
N PHE D 10 0.89 28.15 3.55
CA PHE D 10 0.02 29.01 2.77
C PHE D 10 0.73 29.46 1.51
N ARG D 11 -0.02 29.57 0.42
CA ARG D 11 0.50 30.06 -0.84
C ARG D 11 -0.62 30.68 -1.69
N VAL D 12 -0.32 31.82 -2.36
CA VAL D 12 -1.17 32.47 -3.34
C VAL D 12 -0.39 32.50 -4.67
N LEU D 13 -1.02 31.94 -5.73
CA LEU D 13 -0.45 31.82 -7.08
C LEU D 13 -1.31 32.47 -8.14
N LYS D 14 -0.69 33.01 -9.20
CA LYS D 14 -1.40 33.48 -10.40
C LYS D 14 -1.74 32.23 -11.18
N THR D 15 -2.74 32.31 -12.09
CA THR D 15 -3.13 31.20 -12.98
C THR D 15 -1.96 30.93 -13.93
N GLY D 16 -1.58 29.65 -14.05
CA GLY D 16 -0.46 29.24 -14.89
C GLY D 16 0.84 29.11 -14.14
N GLN D 17 0.94 29.66 -12.92
CA GLN D 17 2.19 29.54 -12.16
C GLN D 17 2.36 28.14 -11.59
N SER D 18 3.62 27.74 -11.34
CA SER D 18 3.97 26.42 -10.82
C SER D 18 4.46 26.49 -9.38
N MET D 19 4.28 25.42 -8.65
CA MET D 19 4.70 25.27 -7.27
C MET D 19 4.85 23.76 -6.91
N THR D 20 5.53 23.53 -5.79
CA THR D 20 5.78 22.22 -5.22
C THR D 20 5.45 22.30 -3.75
N LEU D 21 4.63 21.37 -3.27
CA LEU D 21 4.27 21.19 -1.86
C LEU D 21 5.13 20.04 -1.35
N LEU D 22 5.78 20.21 -0.20
CA LEU D 22 6.63 19.19 0.37
C LEU D 22 5.94 18.54 1.54
N CYS D 23 5.96 17.20 1.58
CA CYS D 23 5.47 16.45 2.73
C CYS D 23 6.59 15.57 3.23
N ALA D 24 6.88 15.62 4.52
CA ALA D 24 7.93 14.81 5.12
C ALA D 24 7.41 14.08 6.33
N GLN D 25 7.96 12.89 6.57
CA GLN D 25 7.64 12.08 7.76
C GLN D 25 8.91 11.36 8.16
N ASP D 26 9.27 11.45 9.45
CA ASP D 26 10.46 10.76 9.96
C ASP D 26 10.01 9.66 10.93
N MET D 27 8.95 8.91 10.49
CA MET D 27 8.34 7.76 11.17
C MET D 27 8.63 6.42 10.43
N ASN D 28 9.44 6.48 9.36
CA ASN D 28 9.83 5.32 8.53
C ASN D 28 8.61 4.68 7.81
N HIS D 29 7.52 5.45 7.59
CA HIS D 29 6.31 4.96 6.93
C HIS D 29 6.55 4.71 5.46
N GLU D 30 6.08 3.57 5.01
CA GLU D 30 6.13 3.10 3.65
C GLU D 30 5.15 3.83 2.73
N TYR D 31 3.90 4.05 3.21
CA TYR D 31 2.84 4.66 2.41
C TYR D 31 2.74 6.16 2.65
N MET D 32 2.44 6.94 1.59
CA MET D 32 2.25 8.40 1.67
C MET D 32 1.16 8.80 0.70
N TYR D 33 0.34 9.78 1.11
CA TYR D 33 -0.87 10.25 0.43
C TYR D 33 -0.95 11.78 0.35
N TRP D 34 -1.58 12.30 -0.73
CA TRP D 34 -1.83 13.72 -0.97
C TRP D 34 -3.31 13.89 -1.26
N TYR D 35 -4.02 14.64 -0.43
CA TYR D 35 -5.46 14.92 -0.52
C TYR D 35 -5.72 16.40 -0.63
N ARG D 36 -6.94 16.73 -1.04
CA ARG D 36 -7.42 18.09 -1.09
C ARG D 36 -8.78 18.08 -0.46
N GLN D 37 -9.07 19.14 0.30
CA GLN D 37 -10.34 19.24 0.99
C GLN D 37 -11.08 20.55 0.62
N ASP D 38 -12.31 20.41 0.12
CA ASP D 38 -13.22 21.49 -0.29
C ASP D 38 -14.60 21.35 0.42
N PRO D 39 -15.32 22.47 0.66
CA PRO D 39 -16.63 22.37 1.36
C PRO D 39 -17.73 21.64 0.53
N GLY D 40 -18.27 20.58 1.13
CA GLY D 40 -19.30 19.74 0.53
C GLY D 40 -18.79 18.46 -0.11
N MET D 41 -17.53 18.50 -0.61
CA MET D 41 -16.84 17.41 -1.32
C MET D 41 -16.10 16.40 -0.39
N GLY D 42 -15.69 16.84 0.80
CA GLY D 42 -14.95 16.01 1.76
C GLY D 42 -13.49 15.88 1.38
N LEU D 43 -12.88 14.71 1.70
CA LEU D 43 -11.48 14.36 1.38
C LEU D 43 -11.42 13.67 0.03
N ARG D 44 -10.59 14.18 -0.88
CA ARG D 44 -10.41 13.56 -2.19
C ARG D 44 -8.91 13.38 -2.44
N LEU D 45 -8.51 12.13 -2.63
CA LEU D 45 -7.14 11.70 -2.90
C LEU D 45 -6.74 12.15 -4.29
N ILE D 46 -5.54 12.70 -4.39
CA ILE D 46 -4.97 13.17 -5.63
C ILE D 46 -4.08 12.07 -6.19
N HIS D 47 -3.10 11.69 -5.40
CA HIS D 47 -2.08 10.70 -5.70
C HIS D 47 -1.62 10.06 -4.41
N TYR D 48 -0.97 8.89 -4.49
CA TYR D 48 -0.41 8.18 -3.33
C TYR D 48 0.83 7.36 -3.77
N SER D 49 1.63 6.94 -2.79
CA SER D 49 2.87 6.18 -2.96
C SER D 49 2.92 5.02 -1.97
N VAL D 50 3.16 3.79 -2.48
CA VAL D 50 3.21 2.56 -1.67
C VAL D 50 4.65 2.27 -1.24
N GLY D 51 5.58 3.08 -1.72
CA GLY D 51 6.97 2.98 -1.31
C GLY D 51 7.86 3.90 -2.09
N GLU D 52 9.08 4.11 -1.59
CA GLU D 52 10.12 4.87 -2.26
C GLU D 52 10.29 4.42 -3.74
N GLY D 53 10.07 5.35 -4.66
CA GLY D 53 10.18 5.17 -6.10
C GLY D 53 8.88 4.90 -6.83
N THR D 54 7.80 4.55 -6.08
CA THR D 54 6.50 4.18 -6.67
C THR D 54 5.41 5.21 -6.36
N THR D 55 4.66 5.65 -7.38
CA THR D 55 3.51 6.54 -7.20
C THR D 55 2.31 6.04 -8.06
N ALA D 56 1.09 6.32 -7.63
CA ALA D 56 -0.13 5.98 -8.36
C ALA D 56 -1.11 7.11 -8.27
N LYS D 57 -2.01 7.19 -9.24
CA LYS D 57 -3.07 8.17 -9.35
C LYS D 57 -4.20 7.87 -8.35
N GLY D 58 -4.86 8.92 -7.87
CA GLY D 58 -5.98 8.81 -6.95
C GLY D 58 -7.32 9.10 -7.62
N GLU D 59 -8.27 9.70 -6.88
CA GLU D 59 -9.57 10.07 -7.45
C GLU D 59 -9.47 11.31 -8.31
N VAL D 60 -8.79 12.39 -7.82
CA VAL D 60 -8.66 13.67 -8.57
C VAL D 60 -7.15 13.93 -8.97
N PRO D 61 -6.56 13.18 -9.96
CA PRO D 61 -5.13 13.33 -10.23
C PRO D 61 -4.74 14.37 -11.27
N ASP D 62 -5.67 14.80 -12.13
CA ASP D 62 -5.37 15.76 -13.21
C ASP D 62 -5.08 17.15 -12.69
N GLY D 63 -3.99 17.71 -13.18
CA GLY D 63 -3.51 19.02 -12.79
C GLY D 63 -2.41 18.87 -11.76
N TYR D 64 -2.15 17.59 -11.35
CA TYR D 64 -1.13 17.27 -10.35
C TYR D 64 -0.20 16.15 -10.75
N ASN D 65 1.04 16.24 -10.27
CA ASN D 65 2.09 15.24 -10.44
C ASN D 65 2.73 15.01 -9.09
N VAL D 66 3.25 13.80 -8.84
CA VAL D 66 3.94 13.53 -7.56
C VAL D 66 5.29 12.85 -7.81
N SER D 67 6.10 12.69 -6.74
CA SER D 67 7.38 12.01 -6.77
C SER D 67 7.75 11.49 -5.37
N ARG D 68 8.36 10.31 -5.33
CA ARG D 68 8.85 9.72 -4.10
C ARG D 68 10.29 9.20 -4.30
N LEU D 69 11.25 10.14 -4.46
CA LEU D 69 12.67 9.85 -4.63
C LEU D 69 13.21 9.23 -3.35
N LYS D 70 12.93 9.87 -2.19
CA LYS D 70 13.29 9.41 -0.85
C LYS D 70 12.01 8.99 -0.11
N LYS D 71 12.07 7.90 0.68
CA LYS D 71 10.92 7.37 1.44
C LYS D 71 10.33 8.42 2.40
N GLN D 72 11.17 9.36 2.90
CA GLN D 72 10.76 10.36 3.88
C GLN D 72 9.79 11.37 3.32
N ASN D 73 9.93 11.73 2.03
CA ASN D 73 9.16 12.82 1.43
C ASN D 73 8.25 12.42 0.27
N PHE D 74 7.12 13.13 0.16
CA PHE D 74 6.12 13.01 -0.90
C PHE D 74 5.88 14.38 -1.48
N LEU D 75 6.39 14.59 -2.70
CA LEU D 75 6.31 15.91 -3.33
C LEU D 75 5.12 16.01 -4.23
N LEU D 76 4.31 17.05 -4.06
CA LEU D 76 3.15 17.31 -4.88
C LEU D 76 3.43 18.53 -5.71
N GLY D 77 3.26 18.37 -7.02
CA GLY D 77 3.50 19.45 -7.98
C GLY D 77 2.25 19.91 -8.69
N LEU D 78 2.20 21.20 -9.00
CA LEU D 78 1.19 21.87 -9.80
C LEU D 78 1.98 22.48 -10.94
N GLU D 79 1.81 21.97 -12.16
CA GLU D 79 2.58 22.48 -13.29
C GLU D 79 2.00 23.78 -13.85
N SER D 80 0.67 23.92 -13.82
CA SER D 80 -0.03 25.10 -14.28
C SER D 80 -1.23 25.31 -13.38
N ALA D 81 -1.09 26.21 -12.39
CA ALA D 81 -2.14 26.49 -11.41
C ALA D 81 -3.44 27.01 -12.07
N ALA D 82 -4.59 26.44 -11.66
CA ALA D 82 -5.92 26.85 -12.11
C ALA D 82 -6.75 27.30 -10.92
N PRO D 83 -7.74 28.23 -11.06
CA PRO D 83 -8.56 28.62 -9.90
C PRO D 83 -9.26 27.44 -9.23
N SER D 84 -9.58 26.37 -9.97
CA SER D 84 -10.26 25.17 -9.43
C SER D 84 -9.41 24.44 -8.37
N GLN D 85 -8.05 24.68 -8.40
CA GLN D 85 -7.07 24.10 -7.49
C GLN D 85 -7.00 24.90 -6.15
N THR D 86 -7.89 25.89 -5.97
CA THR D 86 -8.06 26.62 -4.70
C THR D 86 -8.65 25.59 -3.72
N SER D 87 -7.87 25.17 -2.70
CA SER D 87 -8.26 24.18 -1.70
C SER D 87 -7.24 24.13 -0.57
N VAL D 88 -7.52 23.31 0.47
CA VAL D 88 -6.62 22.99 1.59
C VAL D 88 -6.12 21.58 1.32
N TYR D 89 -4.80 21.43 1.21
CA TYR D 89 -4.13 20.18 0.85
C TYR D 89 -3.55 19.54 2.05
N PHE D 90 -3.91 18.26 2.25
CA PHE D 90 -3.40 17.49 3.37
C PHE D 90 -2.62 16.27 2.95
N CYS D 91 -1.46 16.07 3.60
CA CYS D 91 -0.61 14.90 3.38
C CYS D 91 -0.85 13.93 4.50
N ALA D 92 -0.88 12.63 4.17
CA ALA D 92 -1.02 11.57 5.16
C ALA D 92 0.07 10.53 4.91
N SER D 93 0.39 9.73 5.93
CA SER D 93 1.32 8.62 5.81
C SER D 93 0.84 7.48 6.73
N SER D 94 1.14 6.25 6.35
CA SER D 94 0.79 5.09 7.16
C SER D 94 1.84 3.97 7.03
N MET D 95 1.78 3.01 7.95
CA MET D 95 2.67 1.87 7.98
C MET D 95 1.82 0.58 7.94
N PRO D 96 1.76 -0.09 6.74
CA PRO D 96 1.02 -1.37 6.63
C PRO D 96 1.61 -2.49 7.51
N GLY D 97 0.77 -3.45 7.87
CA GLY D 97 1.16 -4.62 8.65
C GLY D 97 0.02 -5.13 9.49
N LEU D 98 -0.14 -6.44 9.59
CA LEU D 98 -1.25 -7.06 10.31
C LEU D 98 -1.30 -6.69 11.77
N ARG D 99 -0.11 -6.57 12.43
CA ARG D 99 0.04 -6.16 13.83
C ARG D 99 0.36 -4.67 13.91
N SER D 100 0.63 -4.03 12.75
CA SER D 100 0.94 -2.60 12.71
C SER D 100 -0.28 -1.77 13.05
N SER D 101 0.00 -0.55 13.52
CA SER D 101 -1.02 0.45 13.75
C SER D 101 -1.08 1.20 12.40
N TYR D 102 -1.77 0.55 11.44
CA TYR D 102 -1.82 0.99 10.05
C TYR D 102 -2.77 2.16 9.75
N GLU D 103 -3.23 2.90 10.77
CA GLU D 103 -4.03 4.13 10.56
C GLU D 103 -3.21 5.17 9.84
N GLN D 104 -3.88 6.20 9.30
CA GLN D 104 -3.22 7.29 8.57
C GLN D 104 -2.89 8.44 9.50
N TYR D 105 -1.72 9.03 9.30
CA TYR D 105 -1.23 10.16 10.07
C TYR D 105 -1.21 11.34 9.17
N PHE D 106 -1.98 12.40 9.50
CA PHE D 106 -2.10 13.58 8.63
C PHE D 106 -1.21 14.76 9.08
N GLY D 107 -0.78 15.55 8.11
CA GLY D 107 -0.03 16.78 8.28
C GLY D 107 -1.01 17.92 8.60
N PRO D 108 -0.51 19.15 8.87
CA PRO D 108 -1.41 20.24 9.32
C PRO D 108 -2.32 20.90 8.25
N GLY D 109 -1.92 20.82 6.99
CA GLY D 109 -2.63 21.42 5.88
C GLY D 109 -1.81 22.50 5.22
N THR D 110 -2.13 22.76 3.95
CA THR D 110 -1.53 23.78 3.08
C THR D 110 -2.66 24.47 2.34
N ARG D 111 -2.86 25.76 2.62
CA ARG D 111 -3.90 26.52 1.97
C ARG D 111 -3.32 27.14 0.74
N LEU D 112 -3.98 26.86 -0.35
CA LEU D 112 -3.63 27.35 -1.66
C LEU D 112 -4.81 28.15 -2.23
N THR D 113 -4.50 29.29 -2.85
CA THR D 113 -5.46 30.15 -3.54
C THR D 113 -4.81 30.58 -4.83
N VAL D 114 -5.45 30.20 -5.94
CA VAL D 114 -5.09 30.57 -7.30
C VAL D 114 -6.03 31.70 -7.74
N THR D 115 -5.46 32.89 -7.98
CA THR D 115 -6.19 34.06 -8.44
C THR D 115 -5.79 34.37 -9.89
N GLU D 116 -6.68 35.01 -10.66
CA GLU D 116 -6.38 35.40 -12.03
C GLU D 116 -5.29 36.46 -12.08
N ASP D 117 -5.26 37.37 -11.05
CA ASP D 117 -4.27 38.44 -10.97
C ASP D 117 -3.74 38.69 -9.53
N LEU D 118 -2.42 38.88 -9.39
CA LEU D 118 -1.77 39.10 -8.08
C LEU D 118 -2.07 40.49 -7.51
N LYS D 119 -2.70 41.39 -8.30
CA LYS D 119 -3.09 42.71 -7.81
C LYS D 119 -4.45 42.60 -7.06
N ASN D 120 -5.00 41.36 -6.93
CA ASN D 120 -6.20 41.05 -6.13
C ASN D 120 -5.80 40.80 -4.67
N VAL D 121 -4.49 40.57 -4.43
CA VAL D 121 -3.90 40.28 -3.13
C VAL D 121 -3.83 41.57 -2.35
N PHE D 122 -4.49 41.57 -1.19
CA PHE D 122 -4.50 42.72 -0.32
C PHE D 122 -4.17 42.32 1.11
N PRO D 123 -3.33 43.08 1.84
CA PRO D 123 -3.10 42.74 3.25
C PRO D 123 -4.31 43.19 4.09
N PRO D 124 -4.48 42.70 5.33
CA PRO D 124 -5.63 43.19 6.10
C PRO D 124 -5.39 44.58 6.68
N GLU D 125 -6.50 45.26 7.02
CA GLU D 125 -6.58 46.46 7.82
C GLU D 125 -7.03 45.93 9.18
N VAL D 126 -6.34 46.31 10.26
CA VAL D 126 -6.65 45.77 11.58
C VAL D 126 -7.00 46.92 12.48
N ALA D 127 -8.15 46.80 13.14
CA ALA D 127 -8.68 47.79 14.06
C ALA D 127 -9.14 47.12 15.36
N VAL D 128 -8.88 47.77 16.51
CA VAL D 128 -9.31 47.28 17.83
C VAL D 128 -10.39 48.25 18.37
N PHE D 129 -11.52 47.69 18.79
CA PHE D 129 -12.67 48.42 19.32
C PHE D 129 -12.74 48.19 20.82
N GLU D 130 -12.73 49.31 21.57
CA GLU D 130 -12.74 49.34 23.02
C GLU D 130 -14.08 48.87 23.61
N PRO D 131 -14.03 48.16 24.78
CA PRO D 131 -15.27 47.71 25.41
C PRO D 131 -16.28 48.84 25.64
N SER D 132 -17.59 48.51 25.54
CA SER D 132 -18.69 49.44 25.77
C SER D 132 -18.84 49.71 27.28
N GLU D 133 -19.15 50.97 27.65
CA GLU D 133 -19.35 51.39 29.05
C GLU D 133 -20.61 50.73 29.62
N ALA D 134 -21.65 50.57 28.76
CA ALA D 134 -22.93 49.92 29.09
C ALA D 134 -22.70 48.46 29.50
N GLU D 135 -21.75 47.75 28.81
CA GLU D 135 -21.38 46.38 29.14
C GLU D 135 -20.60 46.33 30.44
N ILE D 136 -19.69 47.27 30.63
CA ILE D 136 -18.84 47.35 31.82
C ILE D 136 -19.72 47.48 33.08
N SER D 137 -20.64 48.46 33.09
CA SER D 137 -21.51 48.70 34.24
C SER D 137 -22.55 47.58 34.49
N HIS D 138 -23.12 47.00 33.41
CA HIS D 138 -24.16 45.97 33.47
C HIS D 138 -23.66 44.55 33.80
N THR D 139 -22.46 44.16 33.33
CA THR D 139 -21.95 42.79 33.53
C THR D 139 -20.64 42.69 34.35
N GLN D 140 -19.88 43.83 34.47
CA GLN D 140 -18.56 43.94 35.13
C GLN D 140 -17.49 43.14 34.33
N LYS D 141 -17.71 43.07 33.01
CA LYS D 141 -16.89 42.41 31.99
C LYS D 141 -16.61 43.39 30.87
N ALA D 142 -15.52 43.16 30.14
CA ALA D 142 -15.08 44.04 29.06
C ALA D 142 -14.65 43.23 27.86
N THR D 143 -15.40 43.36 26.77
CA THR D 143 -15.10 42.66 25.54
C THR D 143 -14.49 43.64 24.56
N LEU D 144 -13.24 43.37 24.16
CA LEU D 144 -12.54 44.07 23.09
C LEU D 144 -12.88 43.33 21.82
N VAL D 145 -12.99 44.04 20.70
CA VAL D 145 -13.28 43.43 19.41
C VAL D 145 -12.19 43.82 18.44
N CYS D 146 -11.64 42.85 17.71
CA CYS D 146 -10.67 43.05 16.65
C CYS D 146 -11.33 42.71 15.33
N LEU D 147 -11.14 43.58 14.36
CA LEU D 147 -11.71 43.39 13.03
C LEU D 147 -10.62 43.59 11.95
N ALA D 148 -10.32 42.51 11.20
CA ALA D 148 -9.38 42.54 10.07
C ALA D 148 -10.21 42.59 8.82
N THR D 149 -9.95 43.56 7.92
CA THR D 149 -10.79 43.81 6.74
C THR D 149 -9.99 44.01 5.47
N GLY D 150 -10.65 43.72 4.33
CA GLY D 150 -10.14 43.86 2.97
C GLY D 150 -8.94 43.01 2.60
N PHE D 151 -8.83 41.82 3.22
CA PHE D 151 -7.69 40.97 2.89
C PHE D 151 -8.05 39.86 1.89
N TYR D 152 -7.07 39.53 1.05
CA TYR D 152 -7.18 38.48 0.07
C TYR D 152 -5.75 38.00 -0.17
N PRO D 153 -5.49 36.68 -0.13
CA PRO D 153 -6.45 35.58 0.09
C PRO D 153 -6.83 35.48 1.57
N ASP D 154 -7.73 34.57 1.92
CA ASP D 154 -8.13 34.34 3.32
C ASP D 154 -7.05 33.49 4.04
N HIS D 155 -5.80 33.95 4.02
CA HIS D 155 -4.63 33.30 4.61
C HIS D 155 -4.13 34.20 5.72
N VAL D 156 -4.76 34.07 6.89
CA VAL D 156 -4.48 34.90 8.04
C VAL D 156 -4.42 34.08 9.33
N GLU D 157 -3.67 34.61 10.32
CA GLU D 157 -3.60 34.06 11.66
C GLU D 157 -3.79 35.18 12.66
N LEU D 158 -4.92 35.16 13.32
CA LEU D 158 -5.28 36.16 14.29
C LEU D 158 -4.94 35.68 15.71
N SER D 159 -4.28 36.55 16.49
CA SER D 159 -3.90 36.27 17.89
C SER D 159 -4.01 37.54 18.76
N TRP D 160 -4.31 37.34 20.05
CA TRP D 160 -4.44 38.40 21.03
C TRP D 160 -3.24 38.34 21.96
N TRP D 161 -2.72 39.52 22.27
CA TRP D 161 -1.56 39.72 23.11
C TRP D 161 -1.89 40.67 24.25
N VAL D 162 -1.49 40.29 25.48
CA VAL D 162 -1.72 41.09 26.68
C VAL D 162 -0.37 41.29 27.42
N ASN D 163 0.16 42.53 27.39
CA ASN D 163 1.45 42.89 27.97
C ASN D 163 2.55 42.05 27.29
N GLY D 164 2.40 41.93 25.97
CA GLY D 164 3.28 41.18 25.09
C GLY D 164 3.30 39.67 25.29
N LYS D 165 2.21 39.09 25.81
CA LYS D 165 2.04 37.63 25.99
C LYS D 165 0.75 37.15 25.30
N GLU D 166 0.86 36.06 24.51
CA GLU D 166 -0.31 35.52 23.80
C GLU D 166 -1.34 34.96 24.77
N VAL D 167 -2.60 35.40 24.62
CA VAL D 167 -3.70 34.96 25.46
C VAL D 167 -4.61 34.04 24.67
N HIS D 168 -5.20 33.04 25.35
CA HIS D 168 -6.09 32.05 24.75
C HIS D 168 -7.43 31.99 25.48
N SER D 169 -7.44 32.29 26.79
CA SER D 169 -8.63 32.33 27.63
C SER D 169 -9.40 33.62 27.35
N GLY D 170 -10.74 33.50 27.36
CA GLY D 170 -11.68 34.60 27.12
C GLY D 170 -11.65 35.12 25.70
N VAL D 171 -10.98 34.34 24.82
CA VAL D 171 -10.76 34.65 23.41
C VAL D 171 -11.67 33.81 22.56
N CYS D 172 -12.23 34.38 21.48
CA CYS D 172 -12.95 33.65 20.48
C CYS D 172 -12.86 34.33 19.12
N THR D 173 -12.36 33.63 18.11
CA THR D 173 -12.23 34.15 16.74
C THR D 173 -13.21 33.42 15.84
N ASP D 174 -13.71 34.09 14.80
CA ASP D 174 -14.65 33.50 13.81
C ASP D 174 -14.03 32.24 13.20
N PRO D 175 -14.81 31.13 13.07
CA PRO D 175 -14.27 29.89 12.48
C PRO D 175 -13.63 30.11 11.13
N GLN D 176 -14.23 30.97 10.27
CA GLN D 176 -13.73 31.28 8.93
C GLN D 176 -13.94 32.77 8.58
N PRO D 177 -13.02 33.40 7.78
CA PRO D 177 -13.24 34.80 7.38
C PRO D 177 -14.42 34.90 6.41
N LEU D 178 -15.21 35.98 6.56
CA LEU D 178 -16.40 36.26 5.77
C LEU D 178 -16.05 36.91 4.44
N LYS D 179 -16.88 36.70 3.41
CA LYS D 179 -16.73 37.38 2.13
C LYS D 179 -17.39 38.72 2.27
N GLU D 180 -16.64 39.82 2.00
CA GLU D 180 -17.14 41.21 2.05
C GLU D 180 -18.15 41.44 0.90
N GLN D 181 -17.97 40.74 -0.24
CA GLN D 181 -18.83 40.78 -1.43
C GLN D 181 -19.06 39.35 -1.86
N PRO D 182 -20.06 38.67 -1.22
CA PRO D 182 -20.25 37.23 -1.46
C PRO D 182 -20.52 36.80 -2.91
N ALA D 183 -20.99 37.74 -3.77
CA ALA D 183 -21.34 37.44 -5.15
C ALA D 183 -20.13 37.47 -6.10
N LEU D 184 -18.96 38.00 -5.68
CA LEU D 184 -17.83 38.01 -6.60
C LEU D 184 -16.72 37.04 -6.13
N ASN D 185 -16.09 36.34 -7.11
CA ASN D 185 -15.07 35.30 -6.95
C ASN D 185 -13.85 35.70 -6.15
N ASP D 186 -13.21 36.83 -6.52
CA ASP D 186 -11.98 37.28 -5.89
C ASP D 186 -12.27 38.37 -4.86
N SER D 187 -13.34 38.19 -4.08
CA SER D 187 -13.70 39.16 -3.06
C SER D 187 -12.75 39.10 -1.90
N ARG D 188 -12.57 40.25 -1.28
CA ARG D 188 -11.76 40.45 -0.10
C ARG D 188 -12.56 39.91 1.13
N TYR D 189 -11.84 39.63 2.20
CA TYR D 189 -12.39 38.98 3.39
C TYR D 189 -12.29 39.86 4.61
N ALA D 190 -13.00 39.45 5.65
CA ALA D 190 -13.06 40.11 6.95
C ALA D 190 -13.12 39.07 8.06
N LEU D 191 -12.35 39.31 9.13
CA LEU D 191 -12.30 38.38 10.27
C LEU D 191 -12.46 39.13 11.57
N SER D 192 -13.36 38.64 12.42
CA SER D 192 -13.62 39.28 13.71
C SER D 192 -13.19 38.39 14.90
N SER D 193 -12.68 39.03 15.98
CA SER D 193 -12.27 38.31 17.19
C SER D 193 -12.63 39.10 18.43
N ARG D 194 -12.96 38.37 19.48
CA ARG D 194 -13.32 38.94 20.75
C ARG D 194 -12.35 38.57 21.87
N LEU D 195 -11.98 39.54 22.68
CA LEU D 195 -11.17 39.29 23.87
C LEU D 195 -11.94 39.83 25.04
N ARG D 196 -12.55 38.93 25.83
CA ARG D 196 -13.29 39.34 27.00
C ARG D 196 -12.41 39.22 28.22
N VAL D 197 -12.33 40.30 28.99
CA VAL D 197 -11.55 40.39 30.23
C VAL D 197 -12.47 40.94 31.36
N SER D 198 -11.97 40.92 32.60
CA SER D 198 -12.65 41.49 33.76
C SER D 198 -12.66 43.01 33.62
N ALA D 199 -13.71 43.71 34.12
CA ALA D 199 -13.81 45.17 34.03
C ALA D 199 -12.63 45.84 34.70
N THR D 200 -12.17 45.29 35.87
CA THR D 200 -11.03 45.77 36.64
C THR D 200 -9.76 45.67 35.80
N PHE D 201 -9.59 44.57 35.02
CA PHE D 201 -8.44 44.35 34.16
C PHE D 201 -8.39 45.39 33.06
N TRP D 202 -9.49 45.63 32.33
CA TRP D 202 -9.56 46.70 31.32
C TRP D 202 -9.39 48.10 31.94
N GLN D 203 -9.82 48.28 33.21
CA GLN D 203 -9.75 49.58 33.90
C GLN D 203 -8.32 49.95 34.36
N ASN D 204 -7.37 49.00 34.44
CA ASN D 204 -5.97 49.25 34.78
C ASN D 204 -5.28 49.92 33.55
N PRO D 205 -4.62 51.10 33.73
CA PRO D 205 -4.03 51.79 32.57
C PRO D 205 -2.62 51.32 32.19
N ARG D 206 -2.12 50.27 32.88
CA ARG D 206 -0.80 49.70 32.63
C ARG D 206 -0.92 48.47 31.70
N ASN D 207 -2.16 48.01 31.47
CA ASN D 207 -2.42 46.86 30.62
C ASN D 207 -2.50 47.31 29.18
N HIS D 208 -1.73 46.63 28.34
CA HIS D 208 -1.61 46.83 26.90
C HIS D 208 -2.22 45.62 26.22
N PHE D 209 -3.16 45.87 25.28
CA PHE D 209 -3.87 44.85 24.49
C PHE D 209 -3.48 45.00 23.03
N ARG D 210 -3.19 43.89 22.37
CA ARG D 210 -2.80 43.94 20.97
C ARG D 210 -3.40 42.80 20.16
N CYS D 211 -4.03 43.15 19.03
CA CYS D 211 -4.55 42.18 18.11
C CYS D 211 -3.57 42.03 16.98
N GLN D 212 -2.95 40.86 16.86
CA GLN D 212 -2.00 40.56 15.81
C GLN D 212 -2.67 39.73 14.71
N VAL D 213 -2.49 40.16 13.44
CA VAL D 213 -2.97 39.40 12.30
C VAL D 213 -1.77 39.12 11.42
N GLN D 214 -1.41 37.82 11.32
CA GLN D 214 -0.33 37.38 10.46
C GLN D 214 -0.94 37.07 9.12
N PHE D 215 -0.48 37.78 8.10
CA PHE D 215 -0.98 37.65 6.73
C PHE D 215 0.06 36.97 5.87
N TYR D 216 -0.41 36.12 4.98
CA TYR D 216 0.43 35.40 4.04
C TYR D 216 0.07 35.89 2.69
N GLY D 217 1.05 36.45 2.01
CA GLY D 217 0.82 37.01 0.69
C GLY D 217 2.00 36.83 -0.22
N LEU D 218 2.34 37.88 -1.00
CA LEU D 218 3.39 37.80 -2.02
C LEU D 218 4.77 37.59 -1.46
N SER D 219 5.60 36.90 -2.26
CA SER D 219 6.98 36.55 -1.93
C SER D 219 7.92 37.55 -2.59
N GLU D 220 9.23 37.42 -2.35
CA GLU D 220 10.29 38.24 -2.91
C GLU D 220 10.37 38.12 -4.44
N ASN D 221 10.17 36.89 -4.98
CA ASN D 221 10.23 36.54 -6.41
C ASN D 221 8.95 36.93 -7.12
N ASP D 222 7.92 37.38 -6.38
CA ASP D 222 6.67 37.77 -7.00
C ASP D 222 6.83 39.17 -7.56
N GLU D 223 6.46 39.32 -8.84
CA GLU D 223 6.55 40.61 -9.52
C GLU D 223 5.48 41.57 -9.00
N TRP D 224 5.88 42.82 -8.72
CA TRP D 224 4.97 43.88 -8.29
C TRP D 224 5.26 45.16 -9.04
N THR D 225 4.25 45.61 -9.82
CA THR D 225 4.30 46.80 -10.67
C THR D 225 3.07 47.63 -10.35
N GLN D 226 2.99 48.13 -9.10
CA GLN D 226 1.84 48.91 -8.65
C GLN D 226 2.26 50.03 -7.73
N ASP D 227 1.44 51.11 -7.68
CA ASP D 227 1.61 52.29 -6.84
C ASP D 227 1.44 51.89 -5.38
N ARG D 228 0.47 50.99 -5.11
CA ARG D 228 0.19 50.40 -3.80
C ARG D 228 1.41 49.68 -3.21
N ALA D 229 1.52 49.61 -1.88
CA ALA D 229 2.62 48.88 -1.25
C ALA D 229 2.46 47.39 -1.53
N LYS D 230 3.58 46.69 -1.90
CA LYS D 230 3.57 45.25 -2.21
C LYS D 230 2.93 44.46 -1.04
N PRO D 231 1.88 43.63 -1.35
CA PRO D 231 1.14 42.93 -0.28
C PRO D 231 1.84 41.62 0.11
N VAL D 232 3.06 41.76 0.64
CA VAL D 232 3.94 40.67 1.06
C VAL D 232 3.41 40.05 2.35
N THR D 233 3.97 38.90 2.74
CA THR D 233 3.69 38.25 4.01
C THR D 233 4.14 39.26 5.05
N GLN D 234 3.27 39.63 5.96
CA GLN D 234 3.56 40.63 6.97
C GLN D 234 2.64 40.49 8.15
N ILE D 235 3.01 41.11 9.29
CA ILE D 235 2.14 41.22 10.46
C ILE D 235 1.51 42.62 10.45
N VAL D 236 0.17 42.67 10.49
CA VAL D 236 -0.61 43.87 10.64
C VAL D 236 -1.22 43.76 12.07
N SER D 237 -1.04 44.81 12.90
CA SER D 237 -1.50 44.84 14.29
C SER D 237 -2.29 46.11 14.64
N ALA D 238 -3.03 46.02 15.75
CA ALA D 238 -3.79 47.13 16.30
C ALA D 238 -3.77 47.00 17.80
N GLU D 239 -3.85 48.11 18.50
CA GLU D 239 -3.72 48.09 19.95
C GLU D 239 -4.70 49.02 20.65
N ALA D 240 -4.88 48.76 21.94
CA ALA D 240 -5.67 49.55 22.87
C ALA D 240 -5.01 49.42 24.21
N TRP D 241 -4.92 50.51 24.93
CA TRP D 241 -4.37 50.54 26.28
C TRP D 241 -5.53 50.59 27.23
N GLY D 242 -5.39 49.90 28.36
CA GLY D 242 -6.40 49.95 29.41
C GLY D 242 -6.56 51.36 29.96
N ARG D 243 -7.72 51.66 30.57
CA ARG D 243 -7.92 53.03 31.09
C ARG D 243 -8.88 53.12 32.27
N ALA D 244 -8.46 53.88 33.30
CA ALA D 244 -9.31 54.23 34.43
C ALA D 244 -10.16 55.41 33.95
N ASP D 245 -11.45 55.42 34.26
CA ASP D 245 -12.37 56.43 33.74
C ASP D 245 -12.19 56.58 32.22
#